data_7WLR
#
_entry.id   7WLR
#
loop_
_entity.id
_entity.type
_entity.pdbx_description
1 polymer 'Histone H3'
2 polymer 'Histone H4'
3 polymer 'Histone H2A'
4 polymer 'Histone H2B'
5 polymer 'DNA (145-MER)'
6 polymer 'DNA (145-MER)'
#
loop_
_entity_poly.entity_id
_entity_poly.type
_entity_poly.pdbx_seq_one_letter_code
_entity_poly.pdbx_strand_id
1 'polypeptide(L)'
;KPHRYKPGTVALREIRRFQKSTELLIRKLPFQRLVREIAQDFKTDLRFQSSAIGALQESVEAYLVSLFEDTNLCAIHAKR
VTIQKKDILLARRLRGERS
;
A,E
2 'polypeptide(L)'
;KRHRKILRDNIQGITKPAIRRLARRGGVKRISALIYEEVRAVLKTFLENVIRDAVTYTEHAKRKTVTSLDVVYALKRQGR
TLYGFGG
;
B,F
3 'polypeptide(L)'
;KASTSRSSKAGLTFPVGRVHRLLRRGNYAQRIGSGAPVYLTAVLEYLAAEILELAGNAARDNKKSRIIPRHLQLAIRNDE
ELNKLLGHVTIAQGGVLPNIQSELLPKK
;
C,G
4 'polypeptide(L)'
;RSKVRKESYASYIYKVLKQTHPDTGISQKAMSIMNSFVNDIFERIASEASKLASYNKKSTISAREIQTAVRLILPGELSK
HAVSEGTRAVTKYTSSTQA
;
D,H
5 'polydeoxyribonucleotide'
;(DA)(DT)(DC)(DA)(DG)(DA)(DA)(DT)(DC)(DC)(DC)(DG)(DG)(DT)(DG)(DC)(DC)(DG)(DA)(DG)
(DG)(DC)(DC)(DG)(DC)(DT)(DC)(DA)(DA)(DT)(DT)(DG)(DG)(DT)(DC)(DG)(DT)(DA)(DG)(DA)
(DC)(DA)(DG)(DC)(DT)(DC)(DT)(DA)(DG)(DC)(DA)(DC)(DC)(DG)(DC)(DT)(DT)(DA)(DA)(DA)
(DC)(DG)(DC)(DA)(DC)(DG)(DT)(DA)(DC)(DG)(DC)(DG)(DC)(DT)(DG)(DT)(DC)(DC)(DC)(DC)
(DC)(DG)(DC)(DG)(DT)(DT)(DT)(DT)(DA)(DA)(DC)(DC)(DG)(DC)(DC)(DA)(DA)(DG)(DG)(DG)
(DG)(DA)(DT)(DT)(DA)(DC)(DT)(DC)(DC)(DC)(DT)(DA)(DG)(DT)(DC)(DT)(DC)(DC)(DA)(DG)
(DG)(DC)(DA)(DC)(DG)(DT)(DG)(DT)(DC)(DA)(DG)(DA)(DT)(DA)(DT)(DA)(DT)(DA)(DC)(DA)
(DT)(DC)(DG)(DA)(DT)
;
I
6 'polydeoxyribonucleotide'
;(DA)(DT)(DC)(DG)(DA)(DT)(DG)(DT)(DA)(DT)(DA)(DT)(DA)(DT)(DC)(DT)(DG)(DA)(DC)(DA)
(DC)(DG)(DT)(DG)(DC)(DC)(DT)(DG)(DG)(DA)(DG)(DA)(DC)(DT)(DA)(DG)(DG)(DG)(DA)(DG)
(DT)(DA)(DA)(DT)(DC)(DC)(DC)(DC)(DT)(DT)(DG)(DG)(DC)(DG)(DG)(DT)(DT)(DA)(DA)(DA)
(DA)(DC)(DG)(DC)(DG)(DG)(DG)(DG)(DG)(DA)(DC)(DA)(DG)(DC)(DG)(DC)(DG)(DT)(DA)(DC)
(DG)(DT)(DG)(DC)(DG)(DT)(DT)(DT)(DA)(DA)(DG)(DC)(DG)(DG)(DT)(DG)(DC)(DT)(DA)(DG)
(DA)(DG)(DC)(DT)(DG)(DT)(DC)(DT)(DA)(DC)(DG)(DA)(DC)(DC)(DA)(DA)(DT)(DT)(DG)(DA)
(DG)(DC)(DG)(DG)(DC)(DC)(DT)(DC)(DG)(DG)(DC)(DA)(DC)(DC)(DG)(DG)(DG)(DA)(DT)(DT)
(DC)(DT)(DG)(DA)(DT)
;
J
#
# COMPACT_ATOMS: atom_id res chain seq x y z
N HIS A 3 38.21 -34.55 8.92
CA HIS A 3 38.15 -33.55 7.85
C HIS A 3 37.05 -32.50 8.10
N ARG A 4 37.23 -31.65 9.12
CA ARG A 4 36.34 -30.51 9.37
C ARG A 4 36.54 -29.42 8.31
N TYR A 5 35.44 -28.94 7.73
CA TYR A 5 35.44 -27.77 6.84
C TYR A 5 35.58 -26.45 7.61
N LYS A 6 36.12 -25.39 6.99
CA LYS A 6 36.15 -24.06 7.63
C LYS A 6 34.72 -23.52 7.80
N PRO A 7 34.41 -22.76 8.87
CA PRO A 7 33.04 -22.30 9.18
C PRO A 7 32.28 -21.51 8.10
N GLY A 8 32.94 -21.02 7.06
CA GLY A 8 32.24 -20.45 5.90
C GLY A 8 31.60 -21.47 4.97
N THR A 9 32.34 -22.50 4.61
CA THR A 9 32.08 -23.23 3.36
C THR A 9 30.85 -24.10 3.41
N VAL A 10 30.56 -24.77 4.52
CA VAL A 10 29.28 -25.49 4.65
C VAL A 10 28.11 -24.52 4.67
N ALA A 11 28.19 -23.39 5.37
CA ALA A 11 27.12 -22.40 5.37
C ALA A 11 26.80 -21.91 3.96
N LEU A 12 27.80 -21.63 3.13
CA LEU A 12 27.60 -21.21 1.74
C LEU A 12 26.99 -22.34 0.91
N ARG A 13 27.37 -23.59 1.19
CA ARG A 13 26.75 -24.71 0.49
C ARG A 13 25.26 -24.77 0.79
N GLU A 14 24.88 -24.58 2.05
CA GLU A 14 23.47 -24.56 2.41
C GLU A 14 22.75 -23.38 1.75
N ILE A 15 23.38 -22.21 1.70
CA ILE A 15 22.84 -21.01 1.04
C ILE A 15 22.56 -21.31 -0.43
N ARG A 16 23.46 -21.99 -1.14
CA ARG A 16 23.27 -22.36 -2.56
C ARG A 16 22.15 -23.41 -2.66
N ARG A 17 22.14 -24.40 -1.77
CA ARG A 17 21.14 -25.47 -1.84
C ARG A 17 19.74 -24.92 -1.66
N PHE A 18 19.50 -24.15 -0.61
CA PHE A 18 18.16 -23.63 -0.35
C PHE A 18 17.78 -22.45 -1.24
N GLN A 19 18.74 -21.82 -1.92
CA GLN A 19 18.38 -20.83 -2.93
C GLN A 19 18.07 -21.45 -4.28
N LYS A 20 18.56 -22.66 -4.55
CA LYS A 20 18.14 -23.39 -5.73
C LYS A 20 16.88 -24.21 -5.51
N SER A 21 16.45 -24.38 -4.26
CA SER A 21 15.30 -25.22 -3.94
C SER A 21 14.03 -24.37 -3.88
N THR A 22 12.90 -25.05 -3.72
CA THR A 22 11.60 -24.41 -3.71
C THR A 22 10.67 -24.90 -2.60
N GLU A 23 10.88 -26.11 -2.11
CA GLU A 23 10.10 -26.81 -1.10
C GLU A 23 9.90 -25.99 0.18
N LEU A 24 8.82 -26.26 0.92
CA LEU A 24 8.55 -25.62 2.20
C LEU A 24 9.56 -26.03 3.26
N LEU A 25 10.08 -25.09 4.02
CA LEU A 25 11.14 -25.30 5.01
C LEU A 25 10.63 -25.58 6.42
N ILE A 26 9.35 -25.33 6.70
CA ILE A 26 8.78 -25.53 8.02
C ILE A 26 7.94 -26.80 8.01
N ARG A 27 8.17 -27.68 9.01
CA ARG A 27 7.38 -28.91 9.04
C ARG A 27 5.90 -28.55 9.22
N LYS A 28 5.05 -29.24 8.47
CA LYS A 28 3.65 -28.85 8.25
C LYS A 28 2.83 -28.97 9.52
N LEU A 29 2.93 -30.09 10.24
CA LEU A 29 2.07 -30.34 11.41
C LEU A 29 2.30 -29.33 12.53
N PRO A 30 3.54 -29.00 12.91
CA PRO A 30 3.71 -27.95 13.92
C PRO A 30 3.16 -26.61 13.49
N PHE A 31 3.27 -26.28 12.21
CA PHE A 31 2.69 -25.02 11.73
C PHE A 31 1.16 -25.05 11.81
N GLN A 32 0.55 -26.19 11.45
CA GLN A 32 -0.90 -26.34 11.59
C GLN A 32 -1.29 -26.16 13.04
N ARG A 33 -0.57 -26.80 13.97
CA ARG A 33 -0.92 -26.69 15.38
C ARG A 33 -0.79 -25.25 15.87
N LEU A 34 0.25 -24.54 15.42
CA LEU A 34 0.40 -23.13 15.80
C LEU A 34 -0.74 -22.29 15.25
N VAL A 35 -1.14 -22.55 14.00
CA VAL A 35 -2.26 -21.81 13.40
C VAL A 35 -3.54 -22.06 14.19
N ARG A 36 -3.79 -23.32 14.57
CA ARG A 36 -4.95 -23.63 15.38
C ARG A 36 -4.91 -22.91 16.72
N GLU A 37 -3.75 -22.91 17.38
CA GLU A 37 -3.63 -22.23 18.66
C GLU A 37 -3.91 -20.75 18.53
N ILE A 38 -3.41 -20.13 17.47
CA ILE A 38 -3.63 -18.70 17.28
C ILE A 38 -5.09 -18.41 16.97
N ALA A 39 -5.71 -19.22 16.10
CA ALA A 39 -7.09 -18.98 15.70
C ALA A 39 -8.08 -19.30 16.81
N GLN A 40 -7.66 -20.10 17.80
CA GLN A 40 -8.56 -20.51 18.92
C GLN A 40 -9.04 -19.26 19.67
N ASP A 41 -8.22 -18.21 19.73
CA ASP A 41 -8.58 -17.02 20.52
C ASP A 41 -9.73 -16.25 19.89
N PHE A 42 -9.71 -16.09 18.57
CA PHE A 42 -10.70 -15.23 17.92
C PHE A 42 -12.06 -15.91 17.83
N LYS A 43 -12.09 -17.20 17.57
CA LYS A 43 -13.34 -17.94 17.50
C LYS A 43 -13.09 -19.40 17.84
N THR A 44 -13.96 -19.97 18.66
CA THR A 44 -13.81 -21.36 19.09
C THR A 44 -14.16 -22.31 17.95
N ASP A 45 -13.88 -23.60 18.20
CA ASP A 45 -14.20 -24.74 17.33
C ASP A 45 -14.25 -24.37 15.85
N LEU A 46 -13.16 -23.79 15.36
CA LEU A 46 -13.03 -23.47 13.95
C LEU A 46 -12.55 -24.69 13.16
N ARG A 47 -12.67 -24.59 11.83
CA ARG A 47 -12.17 -25.64 10.93
C ARG A 47 -11.35 -24.95 9.85
N PHE A 48 -10.34 -25.60 9.33
CA PHE A 48 -9.43 -25.04 8.33
C PHE A 48 -9.32 -25.98 7.14
N GLN A 49 -9.55 -25.44 5.95
CA GLN A 49 -9.19 -26.17 4.73
C GLN A 49 -7.68 -26.31 4.63
N SER A 50 -7.24 -27.42 4.04
CA SER A 50 -5.81 -27.66 3.91
C SER A 50 -5.13 -26.59 3.06
N SER A 51 -5.79 -26.18 1.96
CA SER A 51 -5.19 -25.19 1.09
C SER A 51 -5.07 -23.84 1.79
N ALA A 52 -5.97 -23.53 2.74
CA ALA A 52 -5.83 -22.30 3.49
C ALA A 52 -4.56 -22.30 4.33
N ILE A 53 -4.28 -23.42 5.00
CA ILE A 53 -3.05 -23.51 5.78
C ILE A 53 -1.84 -23.48 4.86
N GLY A 54 -1.95 -24.08 3.68
CA GLY A 54 -0.85 -24.02 2.73
C GLY A 54 -0.55 -22.60 2.29
N ALA A 55 -1.60 -21.81 2.02
CA ALA A 55 -1.41 -20.41 1.66
C ALA A 55 -0.81 -19.63 2.81
N LEU A 56 -1.27 -19.90 4.04
CA LEU A 56 -0.69 -19.24 5.21
C LEU A 56 0.80 -19.54 5.31
N GLN A 57 1.19 -20.80 5.12
CA GLN A 57 2.58 -21.20 5.25
C GLN A 57 3.41 -20.58 4.12
N GLU A 58 2.89 -20.51 2.92
CA GLU A 58 3.61 -19.86 1.83
C GLU A 58 3.86 -18.39 2.13
N SER A 59 2.82 -17.69 2.59
CA SER A 59 2.97 -16.27 2.91
C SER A 59 3.97 -16.05 4.03
N VAL A 60 3.91 -16.90 5.07
CA VAL A 60 4.84 -16.76 6.18
C VAL A 60 6.27 -16.98 5.72
N GLU A 61 6.51 -18.01 4.91
CA GLU A 61 7.87 -18.27 4.48
C GLU A 61 8.41 -17.15 3.61
N ALA A 62 7.57 -16.61 2.71
CA ALA A 62 8.03 -15.49 1.89
C ALA A 62 8.34 -14.27 2.75
N TYR A 63 7.47 -13.96 3.71
CA TYR A 63 7.69 -12.80 4.56
C TYR A 63 8.95 -12.95 5.38
N LEU A 64 9.19 -14.13 5.96
CA LEU A 64 10.38 -14.37 6.75
C LEU A 64 11.64 -14.34 5.90
N VAL A 65 11.57 -14.82 4.66
CA VAL A 65 12.73 -14.75 3.77
C VAL A 65 13.07 -13.30 3.46
N SER A 66 12.06 -12.48 3.17
CA SER A 66 12.32 -11.07 2.92
C SER A 66 12.89 -10.37 4.15
N LEU A 67 12.33 -10.69 5.33
CA LEU A 67 12.84 -10.09 6.56
C LEU A 67 14.29 -10.49 6.81
N PHE A 68 14.65 -11.73 6.53
CA PHE A 68 16.02 -12.16 6.74
C PHE A 68 16.96 -11.54 5.72
N GLU A 69 16.50 -11.31 4.49
CA GLU A 69 17.32 -10.60 3.52
C GLU A 69 17.62 -9.18 4.00
N ASP A 70 16.60 -8.47 4.47
CA ASP A 70 16.78 -7.12 4.99
C ASP A 70 17.66 -7.12 6.23
N THR A 71 17.52 -8.11 7.11
CA THR A 71 18.39 -8.21 8.27
C THR A 71 19.84 -8.43 7.86
N ASN A 72 20.08 -9.30 6.88
CA ASN A 72 21.41 -9.51 6.38
C ASN A 72 21.96 -8.21 5.81
N LEU A 73 21.18 -7.47 5.02
CA LEU A 73 21.68 -6.22 4.45
C LEU A 73 22.08 -5.23 5.54
N CYS A 74 21.23 -5.07 6.56
CA CYS A 74 21.56 -4.11 7.62
C CYS A 74 22.66 -4.61 8.55
N ALA A 75 22.93 -5.92 8.56
CA ALA A 75 24.12 -6.41 9.25
C ALA A 75 25.39 -6.16 8.45
N ILE A 76 25.34 -6.33 7.13
CA ILE A 76 26.44 -5.98 6.24
C ILE A 76 26.75 -4.50 6.34
N HIS A 77 25.74 -3.64 6.54
CA HIS A 77 25.98 -2.21 6.70
C HIS A 77 26.87 -1.91 7.89
N ALA A 78 26.75 -2.68 8.96
CA ALA A 78 27.56 -2.48 10.16
C ALA A 78 28.90 -3.19 10.08
N LYS A 79 29.35 -3.58 8.89
CA LYS A 79 30.63 -4.28 8.71
C LYS A 79 30.69 -5.56 9.54
N ARG A 80 29.59 -6.28 9.59
CA ARG A 80 29.50 -7.55 10.30
C ARG A 80 28.95 -8.62 9.36
N VAL A 81 29.02 -9.87 9.81
CA VAL A 81 28.39 -11.00 9.12
C VAL A 81 27.30 -11.64 9.97
N THR A 82 27.51 -11.76 11.28
CA THR A 82 26.49 -12.27 12.17
C THR A 82 25.34 -11.27 12.27
N ILE A 83 24.11 -11.78 12.30
CA ILE A 83 22.92 -10.94 12.45
C ILE A 83 22.45 -11.01 13.89
N GLN A 84 22.27 -9.85 14.51
CA GLN A 84 21.82 -9.74 15.88
C GLN A 84 20.38 -9.23 15.95
N LYS A 85 19.81 -9.28 17.15
CA LYS A 85 18.42 -8.86 17.34
C LYS A 85 18.23 -7.40 16.97
N LYS A 86 19.22 -6.56 17.23
CA LYS A 86 19.10 -5.15 16.86
C LYS A 86 18.96 -4.98 15.35
N ASP A 87 19.56 -5.88 14.57
CA ASP A 87 19.41 -5.80 13.11
C ASP A 87 17.97 -6.05 12.70
N ILE A 88 17.33 -7.06 13.28
CA ILE A 88 15.93 -7.33 12.98
C ILE A 88 15.06 -6.17 13.43
N LEU A 89 15.34 -5.60 14.60
CA LEU A 89 14.57 -4.46 15.07
C LEU A 89 14.68 -3.28 14.11
N LEU A 90 15.90 -2.99 13.65
CA LEU A 90 16.09 -1.89 12.69
C LEU A 90 15.38 -2.18 11.38
N ALA A 91 15.48 -3.42 10.88
CA ALA A 91 14.85 -3.76 9.62
C ALA A 91 13.33 -3.59 9.70
N ARG A 92 12.70 -4.04 10.78
CA ARG A 92 11.26 -3.87 10.96
C ARG A 92 10.90 -2.40 11.13
N ARG A 93 11.70 -1.64 11.87
CA ARG A 93 11.48 -0.21 12.07
C ARG A 93 11.54 0.54 10.74
N LEU A 94 12.43 0.17 9.84
CA LEU A 94 12.54 0.85 8.55
C LEU A 94 11.48 0.37 7.56
N ARG A 95 11.11 -0.91 7.62
CA ARG A 95 10.02 -1.39 6.78
C ARG A 95 8.70 -0.70 7.11
N GLY A 96 8.56 -0.20 8.33
CA GLY A 96 7.36 0.50 8.72
C GLY A 96 6.31 -0.34 9.43
N GLU A 97 6.73 -1.52 9.84
CA GLU A 97 6.05 -2.41 10.78
C GLU A 97 6.14 -1.83 12.21
N ARG A 98 5.22 -2.20 13.10
CA ARG A 98 5.15 -1.71 14.49
C ARG A 98 6.20 -2.36 15.39
N LYS B 5 -9.63 -30.24 22.61
CA LYS B 5 -8.43 -29.81 23.34
C LYS B 5 -8.20 -28.30 23.22
N ILE B 6 -7.55 -27.71 24.23
CA ILE B 6 -7.04 -26.32 24.20
C ILE B 6 -5.52 -26.33 24.03
N LEU B 7 -5.01 -25.58 23.07
CA LEU B 7 -3.58 -25.52 22.72
C LEU B 7 -2.86 -24.50 23.62
N ARG B 8 -1.52 -24.59 23.78
CA ARG B 8 -0.77 -23.88 24.88
C ARG B 8 0.65 -23.42 24.49
N ASP B 9 1.39 -24.17 23.71
CA ASP B 9 2.86 -24.11 23.66
C ASP B 9 3.40 -24.52 22.29
N ASN B 10 2.64 -24.32 21.23
CA ASN B 10 3.02 -24.79 19.90
C ASN B 10 3.88 -23.77 19.14
N ILE B 11 4.21 -22.64 19.76
CA ILE B 11 5.10 -21.69 19.12
C ILE B 11 6.53 -22.22 19.10
N GLN B 12 6.88 -23.08 20.06
CA GLN B 12 8.17 -23.75 20.04
C GLN B 12 8.27 -24.78 18.93
N GLY B 13 7.16 -25.12 18.27
CA GLY B 13 7.19 -26.07 17.17
C GLY B 13 7.99 -25.58 15.98
N ILE B 14 8.20 -24.27 15.87
CA ILE B 14 9.09 -23.72 14.86
C ILE B 14 10.50 -23.86 15.38
N THR B 15 11.14 -24.99 15.08
CA THR B 15 12.39 -25.35 15.70
C THR B 15 13.53 -24.47 15.20
N LYS B 16 14.65 -24.52 15.92
CA LYS B 16 15.84 -23.76 15.52
C LYS B 16 16.34 -24.12 14.13
N PRO B 17 16.42 -25.40 13.73
CA PRO B 17 16.83 -25.69 12.35
C PRO B 17 15.91 -25.09 11.30
N ALA B 18 14.61 -24.97 11.58
CA ALA B 18 13.72 -24.32 10.63
C ALA B 18 14.08 -22.86 10.43
N ILE B 19 14.35 -22.15 11.53
CA ILE B 19 14.78 -20.76 11.42
C ILE B 19 16.10 -20.67 10.68
N ARG B 20 17.01 -21.61 10.93
CA ARG B 20 18.30 -21.60 10.27
C ARG B 20 18.12 -21.83 8.80
N ARG B 21 17.24 -22.72 8.35
CA ARG B 21 17.00 -22.93 6.93
C ARG B 21 16.36 -21.70 6.29
N LEU B 22 15.39 -21.07 6.96
CA LEU B 22 14.80 -19.83 6.44
C LEU B 22 15.85 -18.76 6.27
N ALA B 23 16.76 -18.60 7.22
CA ALA B 23 17.83 -17.62 7.08
C ALA B 23 18.80 -18.00 5.97
N ARG B 24 19.09 -19.29 5.75
CA ARG B 24 19.97 -19.73 4.66
C ARG B 24 19.35 -19.41 3.32
N ARG B 25 18.03 -19.58 3.16
CA ARG B 25 17.40 -19.16 1.92
C ARG B 25 17.48 -17.66 1.73
N GLY B 26 17.44 -16.89 2.82
CA GLY B 26 17.58 -15.45 2.73
C GLY B 26 19.00 -14.95 2.54
N GLY B 27 19.99 -15.82 2.61
CA GLY B 27 21.37 -15.43 2.40
C GLY B 27 22.18 -15.16 3.66
N VAL B 28 21.63 -15.41 4.84
CA VAL B 28 22.35 -15.20 6.10
C VAL B 28 23.40 -16.29 6.27
N LYS B 29 24.66 -15.92 6.48
CA LYS B 29 25.80 -16.85 6.65
C LYS B 29 26.02 -17.26 8.10
N ARG B 30 25.83 -16.36 9.07
CA ARG B 30 26.14 -16.65 10.46
C ARG B 30 25.09 -16.01 11.35
N ILE B 31 24.63 -16.76 12.35
CA ILE B 31 23.43 -16.41 13.12
C ILE B 31 23.79 -16.32 14.60
N SER B 32 23.34 -15.26 15.30
CA SER B 32 23.50 -15.11 16.76
C SER B 32 22.32 -15.66 17.56
N ALA B 33 22.57 -16.14 18.77
CA ALA B 33 21.60 -16.93 19.53
C ALA B 33 20.31 -16.24 19.97
N LEU B 34 20.21 -14.90 20.02
CA LEU B 34 18.95 -14.28 20.43
C LEU B 34 18.00 -14.03 19.27
N ILE B 35 18.42 -14.38 18.04
CA ILE B 35 17.59 -14.12 16.87
C ILE B 35 16.29 -14.93 16.92
N TYR B 36 16.35 -16.15 17.47
CA TYR B 36 15.22 -17.07 17.38
C TYR B 36 13.98 -16.54 18.09
N GLU B 37 14.17 -15.96 19.28
CA GLU B 37 13.03 -15.43 20.01
C GLU B 37 12.36 -14.28 19.25
N GLU B 38 13.17 -13.39 18.67
CA GLU B 38 12.62 -12.28 17.90
C GLU B 38 11.88 -12.80 16.68
N VAL B 39 12.42 -13.82 16.00
CA VAL B 39 11.76 -14.35 14.82
C VAL B 39 10.44 -15.01 15.21
N ARG B 40 10.42 -15.73 16.33
CA ARG B 40 9.18 -16.33 16.78
C ARG B 40 8.13 -15.28 17.13
N ALA B 41 8.56 -14.18 17.77
CA ALA B 41 7.62 -13.11 18.09
C ALA B 41 7.07 -12.46 16.81
N VAL B 42 7.94 -12.24 15.82
CA VAL B 42 7.48 -11.66 14.55
C VAL B 42 6.48 -12.59 13.87
N LEU B 43 6.77 -13.89 13.89
CA LEU B 43 5.84 -14.88 13.35
C LEU B 43 4.51 -14.83 14.07
N LYS B 44 4.54 -14.73 15.41
CA LYS B 44 3.30 -14.66 16.16
C LYS B 44 2.48 -13.45 15.77
N THR B 45 3.12 -12.29 15.66
CA THR B 45 2.38 -11.07 15.33
C THR B 45 1.77 -11.15 13.93
N PHE B 46 2.56 -11.57 12.94
CA PHE B 46 2.06 -11.63 11.58
C PHE B 46 0.92 -12.64 11.46
N LEU B 47 1.07 -13.83 12.04
CA LEU B 47 0.01 -14.81 11.98
C LEU B 47 -1.22 -14.33 12.72
N GLU B 48 -1.10 -13.64 13.85
CA GLU B 48 -2.28 -13.11 14.52
C GLU B 48 -3.02 -12.13 13.63
N ASN B 49 -2.30 -11.24 12.95
CA ASN B 49 -2.97 -10.28 12.08
C ASN B 49 -3.71 -10.98 10.94
N VAL B 50 -3.03 -11.90 10.26
CA VAL B 50 -3.64 -12.54 9.10
C VAL B 50 -4.82 -13.42 9.54
N ILE B 51 -4.67 -14.13 10.66
CA ILE B 51 -5.74 -14.98 11.15
C ILE B 51 -6.92 -14.14 11.62
N ARG B 52 -6.67 -12.98 12.22
CA ARG B 52 -7.78 -12.11 12.59
C ARG B 52 -8.57 -11.69 11.35
N ASP B 53 -7.88 -11.28 10.29
CA ASP B 53 -8.59 -10.88 9.08
C ASP B 53 -9.36 -12.05 8.46
N ALA B 54 -8.74 -13.24 8.42
CA ALA B 54 -9.41 -14.39 7.82
C ALA B 54 -10.61 -14.83 8.64
N VAL B 55 -10.49 -14.82 9.96
CA VAL B 55 -11.61 -15.21 10.80
C VAL B 55 -12.73 -14.19 10.71
N THR B 56 -12.40 -12.90 10.56
CA THR B 56 -13.45 -11.91 10.37
C THR B 56 -14.19 -12.15 9.05
N TYR B 57 -13.45 -12.44 7.99
CA TYR B 57 -14.10 -12.76 6.71
C TYR B 57 -15.00 -13.98 6.85
N THR B 58 -14.52 -15.02 7.52
CA THR B 58 -15.31 -16.24 7.68
C THR B 58 -16.57 -15.98 8.50
N GLU B 59 -16.44 -15.27 9.62
CA GLU B 59 -17.59 -14.94 10.44
C GLU B 59 -18.61 -14.11 9.66
N HIS B 60 -18.14 -13.23 8.78
CA HIS B 60 -19.08 -12.51 7.92
C HIS B 60 -19.76 -13.45 6.94
N ALA B 61 -19.04 -14.46 6.44
CA ALA B 61 -19.64 -15.39 5.49
C ALA B 61 -20.53 -16.42 6.15
N LYS B 62 -20.81 -16.33 7.46
CA LYS B 62 -21.63 -17.27 8.26
C LYS B 62 -21.09 -18.70 8.26
N ARG B 63 -19.85 -18.94 7.83
CA ARG B 63 -19.28 -20.27 7.72
C ARG B 63 -18.47 -20.60 8.97
N LYS B 64 -18.10 -21.87 9.08
CA LYS B 64 -17.27 -22.35 10.18
C LYS B 64 -15.93 -22.90 9.72
N THR B 65 -15.69 -22.97 8.42
CA THR B 65 -14.43 -23.45 7.86
C THR B 65 -13.72 -22.29 7.16
N VAL B 66 -12.46 -22.09 7.51
CA VAL B 66 -11.69 -21.01 6.92
C VAL B 66 -11.31 -21.42 5.50
N THR B 67 -12.02 -20.92 4.50
CA THR B 67 -11.72 -21.22 3.09
C THR B 67 -10.45 -20.51 2.68
N SER B 68 -9.69 -21.08 1.76
CA SER B 68 -8.45 -20.50 1.27
C SER B 68 -8.69 -19.12 0.65
N LEU B 69 -9.85 -18.88 0.04
CA LEU B 69 -10.18 -17.57 -0.49
C LEU B 69 -10.20 -16.53 0.62
N ASP B 70 -10.66 -16.91 1.80
CA ASP B 70 -10.64 -15.95 2.91
C ASP B 70 -9.21 -15.53 3.25
N VAL B 71 -8.28 -16.48 3.28
CA VAL B 71 -6.89 -16.15 3.57
C VAL B 71 -6.30 -15.32 2.44
N VAL B 72 -6.66 -15.62 1.19
CA VAL B 72 -6.14 -14.84 0.07
C VAL B 72 -6.64 -13.40 0.15
N TYR B 73 -7.92 -13.22 0.47
CA TYR B 73 -8.45 -11.86 0.61
C TYR B 73 -7.83 -11.14 1.79
N ALA B 74 -7.57 -11.86 2.89
CA ALA B 74 -6.91 -11.25 4.03
C ALA B 74 -5.51 -10.78 3.68
N LEU B 75 -4.76 -11.60 2.93
CA LEU B 75 -3.43 -11.19 2.49
C LEU B 75 -3.50 -10.01 1.55
N LYS B 76 -4.47 -10.01 0.64
CA LYS B 76 -4.62 -8.89 -0.29
C LYS B 76 -4.96 -7.60 0.43
N ARG B 77 -5.74 -7.70 1.52
CA ARG B 77 -6.15 -6.50 2.24
C ARG B 77 -4.96 -5.76 2.82
N GLN B 78 -3.96 -6.49 3.31
CA GLN B 78 -2.77 -5.88 3.87
C GLN B 78 -1.70 -5.60 2.81
N GLY B 79 -1.98 -5.87 1.54
CA GLY B 79 -1.04 -5.62 0.48
C GLY B 79 -0.07 -6.74 0.20
N ARG B 80 -0.19 -7.86 0.90
CA ARG B 80 0.68 -9.02 0.66
C ARG B 80 0.00 -10.01 -0.28
N THR B 81 -0.28 -9.53 -1.50
CA THR B 81 -0.99 -10.33 -2.49
C THR B 81 -0.28 -11.65 -2.75
N LEU B 82 -1.06 -12.73 -2.83
CA LEU B 82 -0.53 -14.07 -3.00
C LEU B 82 -1.17 -14.72 -4.22
N TYR B 83 -0.35 -15.21 -5.14
CA TYR B 83 -0.82 -15.86 -6.35
C TYR B 83 -0.71 -17.38 -6.20
N GLY B 84 -1.72 -18.10 -6.70
CA GLY B 84 -1.67 -19.55 -6.73
C GLY B 84 -2.78 -20.23 -5.95
N PHE B 85 -3.72 -19.51 -5.35
CA PHE B 85 -4.81 -20.13 -4.60
C PHE B 85 -6.16 -19.53 -4.94
N GLY B 86 -6.29 -18.92 -6.11
CA GLY B 86 -7.54 -18.32 -6.51
C GLY B 86 -7.46 -16.80 -6.51
N GLY B 87 -8.47 -16.17 -7.12
CA GLY B 87 -8.85 -14.79 -6.86
C GLY B 87 -7.88 -13.75 -7.40
N THR C 4 -37.31 15.75 13.13
CA THR C 4 -37.88 15.19 11.91
C THR C 4 -36.82 14.52 11.01
N SER C 5 -35.61 15.10 10.94
CA SER C 5 -34.51 14.56 10.15
C SER C 5 -34.03 13.21 10.69
N ARG C 6 -33.45 12.36 9.83
CA ARG C 6 -32.99 11.02 10.19
C ARG C 6 -31.83 11.08 11.19
N SER C 7 -31.05 12.16 11.19
CA SER C 7 -29.98 12.31 12.18
C SER C 7 -30.55 12.55 13.57
N SER C 8 -31.57 13.38 13.68
CA SER C 8 -32.22 13.60 14.98
C SER C 8 -32.89 12.32 15.48
N LYS C 9 -33.50 11.56 14.58
CA LYS C 9 -34.14 10.31 14.97
C LYS C 9 -33.11 9.33 15.52
N ALA C 10 -31.95 9.24 14.88
CA ALA C 10 -30.88 8.39 15.37
C ALA C 10 -30.05 9.05 16.47
N GLY C 11 -30.32 10.30 16.80
CA GLY C 11 -29.55 11.00 17.80
C GLY C 11 -28.12 11.29 17.39
N LEU C 12 -27.91 11.69 16.14
CA LEU C 12 -26.59 12.02 15.63
C LEU C 12 -26.61 13.43 15.03
N THR C 13 -25.43 14.04 14.97
CA THR C 13 -25.30 15.36 14.35
C THR C 13 -24.89 15.27 12.89
N PHE C 14 -24.26 14.18 12.47
CA PHE C 14 -23.84 14.00 11.09
C PHE C 14 -25.05 13.73 10.20
N PRO C 15 -24.97 14.11 8.92
CA PRO C 15 -26.13 13.97 8.02
C PRO C 15 -26.29 12.54 7.54
N VAL C 16 -27.35 11.88 7.99
CA VAL C 16 -27.67 10.51 7.56
C VAL C 16 -28.13 10.51 6.11
N GLY C 17 -28.92 11.49 5.69
CA GLY C 17 -29.41 11.52 4.32
C GLY C 17 -28.32 11.79 3.30
N ARG C 18 -27.40 12.70 3.62
CA ARG C 18 -26.32 12.99 2.69
C ARG C 18 -25.41 11.79 2.52
N VAL C 19 -25.10 11.09 3.60
CA VAL C 19 -24.30 9.86 3.53
C VAL C 19 -25.04 8.80 2.73
N HIS C 20 -26.35 8.70 2.86
CA HIS C 20 -27.13 7.74 2.08
C HIS C 20 -27.07 8.07 0.59
N ARG C 21 -27.23 9.35 0.22
CA ARG C 21 -27.08 9.77 -1.18
C ARG C 21 -25.68 9.45 -1.67
N LEU C 22 -24.65 9.73 -0.89
CA LEU C 22 -23.29 9.47 -1.35
C LEU C 22 -23.06 7.98 -1.57
N LEU C 23 -23.64 7.14 -0.71
CA LEU C 23 -23.55 5.70 -0.90
C LEU C 23 -24.30 5.26 -2.14
N ARG C 24 -25.47 5.85 -2.45
CA ARG C 24 -26.22 5.55 -3.69
C ARG C 24 -25.46 6.02 -4.93
N ARG C 25 -24.74 7.15 -4.89
CA ARG C 25 -24.06 7.69 -6.06
C ARG C 25 -22.64 7.19 -6.23
N GLY C 26 -22.06 6.55 -5.22
CA GLY C 26 -20.69 6.09 -5.29
C GLY C 26 -20.44 4.83 -6.06
N ASN C 27 -21.49 4.18 -6.57
CA ASN C 27 -21.37 2.93 -7.32
C ASN C 27 -20.69 1.85 -6.46
N TYR C 28 -21.24 1.61 -5.28
CA TYR C 28 -20.74 0.58 -4.39
C TYR C 28 -21.55 -0.71 -4.44
N ALA C 29 -22.86 -0.61 -4.61
CA ALA C 29 -23.71 -1.79 -4.73
C ALA C 29 -25.01 -1.37 -5.42
N GLN C 30 -25.71 -2.37 -5.95
CA GLN C 30 -26.96 -2.10 -6.65
C GLN C 30 -28.07 -1.67 -5.70
N ARG C 31 -28.07 -2.15 -4.45
CA ARG C 31 -29.05 -1.81 -3.44
C ARG C 31 -28.34 -1.50 -2.16
N ILE C 32 -28.95 -0.72 -1.30
CA ILE C 32 -28.36 -0.28 -0.03
C ILE C 32 -29.41 -0.37 1.06
N GLY C 33 -29.05 -1.03 2.16
CA GLY C 33 -29.96 -1.17 3.28
C GLY C 33 -30.24 0.16 3.97
N SER C 34 -31.26 0.14 4.82
CA SER C 34 -31.69 1.36 5.50
C SER C 34 -30.75 1.72 6.65
N GLY C 35 -30.24 0.74 7.38
CA GLY C 35 -29.39 0.99 8.52
C GLY C 35 -27.93 1.20 8.20
N ALA C 36 -27.51 0.95 6.97
CA ALA C 36 -26.11 1.15 6.61
C ALA C 36 -25.68 2.61 6.73
N PRO C 37 -26.42 3.59 6.19
CA PRO C 37 -25.99 4.99 6.40
C PRO C 37 -26.00 5.40 7.86
N VAL C 38 -26.94 4.89 8.66
CA VAL C 38 -26.95 5.21 10.09
C VAL C 38 -25.69 4.68 10.76
N TYR C 39 -25.33 3.43 10.47
CA TYR C 39 -24.12 2.85 11.04
C TYR C 39 -22.89 3.63 10.62
N LEU C 40 -22.81 3.99 9.33
CA LEU C 40 -21.63 4.69 8.83
C LEU C 40 -21.52 6.09 9.44
N THR C 41 -22.61 6.83 9.55
CA THR C 41 -22.55 8.14 10.20
C THR C 41 -22.22 8.01 11.66
N ALA C 42 -22.68 6.99 12.36
CA ALA C 42 -22.29 6.82 13.74
C ALA C 42 -20.78 6.59 13.86
N VAL C 43 -20.23 5.75 12.97
CA VAL C 43 -18.80 5.48 13.03
C VAL C 43 -17.99 6.75 12.72
N LEU C 44 -18.40 7.49 11.70
CA LEU C 44 -17.70 8.73 11.35
C LEU C 44 -17.79 9.74 12.47
N GLU C 45 -18.96 9.85 13.11
CA GLU C 45 -19.12 10.79 14.22
C GLU C 45 -18.23 10.41 15.38
N TYR C 46 -18.13 9.12 15.70
CA TYR C 46 -17.25 8.71 16.78
C TYR C 46 -15.79 9.02 16.47
N LEU C 47 -15.35 8.73 15.24
CA LEU C 47 -13.96 9.00 14.90
C LEU C 47 -13.65 10.49 14.93
N ALA C 48 -14.57 11.31 14.41
CA ALA C 48 -14.37 12.75 14.45
C ALA C 48 -14.34 13.26 15.89
N ALA C 49 -15.21 12.72 16.75
CA ALA C 49 -15.21 13.14 18.14
C ALA C 49 -13.88 12.80 18.82
N GLU C 50 -13.35 11.59 18.58
CA GLU C 50 -12.06 11.20 19.17
C GLU C 50 -10.94 12.10 18.68
N ILE C 51 -10.86 12.35 17.38
CA ILE C 51 -9.78 13.18 16.84
C ILE C 51 -9.89 14.60 17.38
N LEU C 52 -11.06 15.20 17.39
CA LEU C 52 -11.20 16.56 17.90
C LEU C 52 -10.97 16.66 19.40
N GLU C 53 -11.36 15.64 20.16
CA GLU C 53 -11.07 15.70 21.59
C GLU C 53 -9.56 15.67 21.83
N LEU C 54 -8.85 14.80 21.13
CA LEU C 54 -7.40 14.76 21.31
C LEU C 54 -6.75 16.06 20.83
N ALA C 55 -7.26 16.63 19.74
CA ALA C 55 -6.71 17.89 19.25
C ALA C 55 -6.97 19.02 20.24
N GLY C 56 -8.16 19.06 20.85
CA GLY C 56 -8.46 20.07 21.83
C GLY C 56 -7.59 19.95 23.07
N ASN C 57 -7.35 18.71 23.52
CA ASN C 57 -6.44 18.51 24.64
C ASN C 57 -5.03 18.97 24.30
N ALA C 58 -4.55 18.64 23.10
CA ALA C 58 -3.22 19.08 22.69
C ALA C 58 -3.13 20.60 22.62
N ALA C 59 -4.19 21.25 22.14
CA ALA C 59 -4.19 22.71 22.08
C ALA C 59 -4.23 23.32 23.47
N ARG C 60 -4.96 22.70 24.40
CA ARG C 60 -4.98 23.18 25.78
C ARG C 60 -3.62 23.07 26.42
N ASP C 61 -2.91 21.97 26.17
CA ASP C 61 -1.56 21.82 26.70
C ASP C 61 -0.61 22.89 26.17
N ASN C 62 -0.87 23.39 24.98
CA ASN C 62 -0.09 24.46 24.33
C ASN C 62 -0.59 25.86 24.73
N LYS C 63 -1.62 25.98 25.59
CA LYS C 63 -2.22 27.24 26.02
C LYS C 63 -2.76 28.03 24.84
N LYS C 64 -3.46 27.34 23.93
CA LYS C 64 -4.16 27.97 22.83
C LYS C 64 -5.63 27.58 22.86
N SER C 65 -6.46 28.40 22.23
CA SER C 65 -7.89 28.13 22.12
C SER C 65 -8.32 27.83 20.69
N ARG C 66 -7.41 27.86 19.73
CA ARG C 66 -7.69 27.52 18.35
C ARG C 66 -6.93 26.26 17.97
N ILE C 67 -7.59 25.39 17.22
CA ILE C 67 -6.97 24.14 16.75
C ILE C 67 -6.33 24.39 15.40
N ILE C 68 -5.03 24.15 15.30
CA ILE C 68 -4.29 24.34 14.06
C ILE C 68 -3.76 22.99 13.59
N PRO C 69 -3.29 22.87 12.36
CA PRO C 69 -2.79 21.56 11.89
C PRO C 69 -1.71 20.95 12.78
N ARG C 70 -0.90 21.78 13.45
CA ARG C 70 0.11 21.25 14.36
C ARG C 70 -0.53 20.44 15.48
N HIS C 71 -1.65 20.93 16.02
CA HIS C 71 -2.31 20.22 17.11
C HIS C 71 -2.88 18.88 16.66
N LEU C 72 -3.49 18.85 15.47
CA LEU C 72 -3.96 17.59 14.92
C LEU C 72 -2.81 16.62 14.68
N GLN C 73 -1.69 17.14 14.17
CA GLN C 73 -0.53 16.29 13.89
C GLN C 73 -0.02 15.67 15.18
N LEU C 74 0.11 16.48 16.23
CA LEU C 74 0.57 15.99 17.52
C LEU C 74 -0.40 14.98 18.11
N ALA C 75 -1.70 15.26 18.02
CA ALA C 75 -2.70 14.36 18.58
C ALA C 75 -2.68 13.01 17.89
N ILE C 76 -2.51 13.01 16.56
CA ILE C 76 -2.50 11.74 15.83
C ILE C 76 -1.24 10.96 16.14
N ARG C 77 -0.07 11.61 16.12
CA ARG C 77 1.15 10.85 16.39
C ARG C 77 1.29 10.44 17.85
N ASN C 78 0.66 11.12 18.80
CA ASN C 78 0.72 10.77 20.22
C ASN C 78 -0.29 9.68 20.63
N ASP C 79 -1.20 9.26 19.75
CA ASP C 79 -2.14 8.17 19.99
C ASP C 79 -1.75 6.98 19.11
N GLU C 80 -1.45 5.83 19.68
CA GLU C 80 -0.90 4.72 18.90
C GLU C 80 -1.92 4.20 17.89
N GLU C 81 -3.20 4.11 18.29
CA GLU C 81 -4.21 3.53 17.42
C GLU C 81 -4.49 4.41 16.21
N LEU C 82 -4.62 5.73 16.43
CA LEU C 82 -4.82 6.62 15.29
C LEU C 82 -3.57 6.73 14.43
N ASN C 83 -2.39 6.64 15.04
CA ASN C 83 -1.17 6.64 14.26
C ASN C 83 -1.09 5.40 13.37
N LYS C 84 -1.53 4.25 13.88
CA LYS C 84 -1.62 3.05 13.06
C LYS C 84 -2.65 3.23 11.94
N LEU C 85 -3.80 3.84 12.26
CA LEU C 85 -4.83 4.05 11.25
C LEU C 85 -4.38 5.03 10.18
N LEU C 86 -3.63 6.05 10.56
CA LEU C 86 -3.16 7.09 9.63
C LEU C 86 -1.65 7.06 9.46
N GLY C 87 -1.08 5.86 9.33
CA GLY C 87 0.37 5.75 9.21
C GLY C 87 0.91 6.34 7.93
N HIS C 88 0.24 6.07 6.81
CA HIS C 88 0.72 6.50 5.50
C HIS C 88 0.22 7.88 5.11
N VAL C 89 -0.48 8.59 6.00
CA VAL C 89 -1.09 9.87 5.68
C VAL C 89 -0.18 10.99 6.19
N THR C 90 0.08 11.97 5.33
CA THR C 90 0.86 13.14 5.68
C THR C 90 -0.06 14.35 5.78
N ILE C 91 0.09 15.12 6.85
CA ILE C 91 -0.74 16.28 7.13
C ILE C 91 0.03 17.54 6.78
N ALA C 92 -0.56 18.39 5.95
CA ALA C 92 0.09 19.63 5.56
C ALA C 92 0.26 20.56 6.75
N GLN C 93 1.42 21.21 6.82
CA GLN C 93 1.73 22.16 7.90
C GLN C 93 1.60 21.53 9.28
N GLY C 94 1.96 20.26 9.40
CA GLY C 94 1.84 19.56 10.67
C GLY C 94 3.13 19.45 11.44
N GLY C 95 4.26 19.51 10.74
CA GLY C 95 5.52 19.33 11.43
C GLY C 95 5.74 17.88 11.84
N VAL C 96 6.71 17.70 12.74
CA VAL C 96 7.13 16.38 13.23
C VAL C 96 7.18 16.38 14.75
N LEU C 97 7.15 15.20 15.34
CA LEU C 97 7.21 15.03 16.79
C LEU C 97 8.59 15.43 17.30
N PRO C 98 8.65 16.19 18.40
CA PRO C 98 9.96 16.46 19.02
C PRO C 98 10.59 15.18 19.54
N ASN C 99 11.65 14.69 18.91
CA ASN C 99 12.30 13.44 19.31
C ASN C 99 13.75 13.44 18.85
N ILE C 100 14.67 13.48 19.81
CA ILE C 100 16.11 13.47 19.57
C ILE C 100 16.66 12.15 20.11
N GLN C 101 17.45 11.46 19.29
CA GLN C 101 18.04 10.20 19.71
C GLN C 101 19.04 10.44 20.84
N SER C 102 19.05 9.54 21.81
CA SER C 102 19.91 9.70 22.99
C SER C 102 21.39 9.64 22.66
N GLU C 103 21.78 9.02 21.55
CA GLU C 103 23.16 8.89 21.13
C GLU C 103 23.75 10.24 20.69
N LEU C 104 22.93 11.19 20.22
CA LEU C 104 23.42 12.49 19.80
C LEU C 104 23.51 13.49 20.94
N LEU C 105 22.89 13.20 22.08
CA LEU C 105 22.97 14.10 23.22
C LEU C 105 24.41 14.12 23.76
N PRO C 106 24.86 15.28 24.31
CA PRO C 106 26.26 15.52 24.69
C PRO C 106 26.71 14.72 25.93
N LYS C 107 27.97 14.91 26.36
CA LYS C 107 28.55 14.30 27.57
C LYS C 107 27.64 14.49 28.79
N ARG D 5 -23.14 25.67 -5.21
CA ARG D 5 -23.20 24.98 -3.92
C ARG D 5 -22.18 23.83 -3.87
N LYS D 6 -21.14 23.92 -3.05
CA LYS D 6 -20.12 22.86 -2.86
C LYS D 6 -20.25 22.23 -1.47
N GLU D 7 -20.62 20.95 -1.43
CA GLU D 7 -20.86 20.25 -0.16
C GLU D 7 -19.57 19.85 0.57
N SER D 8 -19.60 19.85 1.91
CA SER D 8 -18.53 19.37 2.79
C SER D 8 -19.05 19.07 4.19
N TYR D 9 -18.29 18.34 5.00
CA TYR D 9 -18.69 18.07 6.39
C TYR D 9 -18.37 19.22 7.36
N ALA D 10 -17.85 20.36 6.90
CA ALA D 10 -17.28 21.39 7.77
C ALA D 10 -18.26 21.93 8.83
N SER D 11 -19.51 22.16 8.44
CA SER D 11 -20.56 22.65 9.34
C SER D 11 -21.04 21.62 10.37
N TYR D 12 -20.74 20.33 10.20
CA TYR D 12 -21.04 19.27 11.18
C TYR D 12 -19.90 19.01 12.14
N ILE D 13 -18.66 19.05 11.65
CA ILE D 13 -17.44 18.97 12.46
C ILE D 13 -17.46 20.05 13.54
N TYR D 14 -18.03 21.23 13.25
CA TYR D 14 -18.11 22.33 14.21
C TYR D 14 -19.10 22.03 15.32
N LYS D 15 -20.25 21.42 14.98
CA LYS D 15 -21.22 21.07 16.00
C LYS D 15 -20.65 20.04 16.98
N VAL D 16 -19.95 19.03 16.47
CA VAL D 16 -19.32 18.01 17.32
C VAL D 16 -18.26 18.62 18.22
N LEU D 17 -17.49 19.56 17.69
CA LEU D 17 -16.47 20.27 18.46
C LEU D 17 -17.12 21.09 19.56
N LYS D 18 -18.16 21.84 19.28
CA LYS D 18 -18.88 22.61 20.30
C LYS D 18 -19.55 21.70 21.32
N GLN D 19 -19.90 20.48 20.94
CA GLN D 19 -20.47 19.55 21.91
C GLN D 19 -19.41 19.02 22.86
N THR D 20 -18.26 18.61 22.33
CA THR D 20 -17.18 18.01 23.13
C THR D 20 -16.31 19.08 23.82
N HIS D 21 -16.18 20.28 23.26
CA HIS D 21 -15.38 21.38 23.82
C HIS D 21 -16.12 22.69 23.57
N PRO D 22 -16.88 23.17 24.55
CA PRO D 22 -17.77 24.32 24.30
C PRO D 22 -17.05 25.62 23.98
N ASP D 23 -15.77 25.75 24.32
CA ASP D 23 -15.09 27.04 24.23
C ASP D 23 -13.88 27.07 23.32
N THR D 24 -13.53 25.97 22.67
CA THR D 24 -12.34 25.93 21.82
C THR D 24 -12.71 26.22 20.37
N GLY D 25 -11.92 27.06 19.71
CA GLY D 25 -12.12 27.36 18.31
C GLY D 25 -11.25 26.49 17.42
N ILE D 26 -11.33 26.75 16.12
CA ILE D 26 -10.60 25.92 15.16
C ILE D 26 -10.53 26.63 13.81
N SER D 27 -9.34 26.62 13.20
CA SER D 27 -9.11 27.36 11.97
C SER D 27 -9.70 26.64 10.76
N GLN D 28 -9.64 27.33 9.60
CA GLN D 28 -10.11 26.88 8.31
C GLN D 28 -9.28 25.73 7.74
N LYS D 29 -7.98 25.71 7.99
CA LYS D 29 -7.11 24.63 7.50
C LYS D 29 -7.41 23.34 8.23
N ALA D 30 -7.74 23.43 9.51
CA ALA D 30 -8.18 22.25 10.25
C ALA D 30 -9.54 21.76 9.75
N MET D 31 -10.44 22.65 9.33
CA MET D 31 -11.64 22.21 8.64
C MET D 31 -11.31 21.42 7.39
N SER D 32 -10.36 21.90 6.59
CA SER D 32 -10.00 21.16 5.38
C SER D 32 -9.43 19.79 5.73
N ILE D 33 -8.57 19.74 6.74
CA ILE D 33 -7.95 18.48 7.16
C ILE D 33 -8.99 17.50 7.66
N MET D 34 -9.92 17.97 8.50
CA MET D 34 -10.93 17.09 9.07
C MET D 34 -11.91 16.62 7.99
N ASN D 35 -12.28 17.49 7.06
CA ASN D 35 -13.13 17.08 5.97
C ASN D 35 -12.45 16.02 5.12
N SER D 36 -11.17 16.22 4.82
CA SER D 36 -10.43 15.21 4.06
C SER D 36 -10.37 13.89 4.81
N PHE D 37 -10.16 13.95 6.12
CA PHE D 37 -10.07 12.72 6.91
C PHE D 37 -11.40 11.98 6.93
N VAL D 38 -12.51 12.70 7.11
CA VAL D 38 -13.81 12.07 7.12
C VAL D 38 -14.13 11.46 5.77
N ASN D 39 -13.84 12.19 4.69
CA ASN D 39 -14.08 11.66 3.35
C ASN D 39 -13.22 10.41 3.10
N ASP D 40 -11.97 10.42 3.55
CA ASP D 40 -11.10 9.28 3.34
C ASP D 40 -11.62 8.05 4.08
N ILE D 41 -12.01 8.23 5.35
CA ILE D 41 -12.54 7.10 6.11
C ILE D 41 -13.84 6.59 5.50
N PHE D 42 -14.71 7.50 5.06
CA PHE D 42 -15.95 7.13 4.42
C PHE D 42 -15.68 6.32 3.16
N GLU D 43 -14.74 6.74 2.33
CA GLU D 43 -14.46 6.02 1.09
C GLU D 43 -13.80 4.68 1.38
N ARG D 44 -12.93 4.60 2.38
CA ARG D 44 -12.33 3.32 2.74
C ARG D 44 -13.39 2.32 3.19
N ILE D 45 -14.26 2.73 4.11
CA ILE D 45 -15.28 1.83 4.62
C ILE D 45 -16.23 1.42 3.51
N ALA D 46 -16.63 2.37 2.65
CA ALA D 46 -17.57 2.05 1.58
C ALA D 46 -16.96 1.10 0.57
N SER D 47 -15.70 1.31 0.19
CA SER D 47 -15.06 0.41 -0.76
C SER D 47 -14.88 -0.98 -0.17
N GLU D 48 -14.47 -1.08 1.09
CA GLU D 48 -14.31 -2.37 1.75
C GLU D 48 -15.64 -3.09 1.86
N ALA D 49 -16.73 -2.38 2.17
CA ALA D 49 -18.04 -3.01 2.24
C ALA D 49 -18.52 -3.44 0.87
N SER D 50 -18.21 -2.67 -0.17
CA SER D 50 -18.59 -3.06 -1.52
C SER D 50 -17.87 -4.34 -1.93
N LYS D 51 -16.57 -4.43 -1.66
CA LYS D 51 -15.85 -5.66 -1.96
C LYS D 51 -16.37 -6.83 -1.13
N LEU D 52 -16.73 -6.57 0.12
CA LEU D 52 -17.28 -7.61 0.98
C LEU D 52 -18.59 -8.15 0.43
N ALA D 53 -19.48 -7.26 -0.03
CA ALA D 53 -20.72 -7.69 -0.64
C ALA D 53 -20.47 -8.42 -1.96
N SER D 54 -19.44 -8.02 -2.70
CA SER D 54 -19.13 -8.69 -3.96
C SER D 54 -18.60 -10.09 -3.73
N TYR D 55 -17.87 -10.33 -2.64
CA TYR D 55 -17.33 -11.65 -2.40
C TYR D 55 -18.42 -12.67 -2.13
N ASN D 56 -19.48 -12.29 -1.42
CA ASN D 56 -20.55 -13.21 -1.05
C ASN D 56 -21.69 -13.23 -2.06
N LYS D 57 -21.48 -12.72 -3.27
CA LYS D 57 -22.48 -12.74 -4.33
C LYS D 57 -23.78 -12.08 -3.90
N LYS D 58 -23.70 -11.04 -3.10
CA LYS D 58 -24.87 -10.27 -2.68
C LYS D 58 -24.87 -8.92 -3.38
N SER D 59 -26.03 -8.26 -3.35
CA SER D 59 -26.20 -6.97 -4.03
C SER D 59 -26.71 -5.88 -3.10
N THR D 60 -26.76 -6.09 -1.80
CA THR D 60 -27.24 -5.13 -0.82
C THR D 60 -26.14 -4.84 0.19
N ILE D 61 -25.91 -3.58 0.51
CA ILE D 61 -25.04 -3.18 1.60
C ILE D 61 -25.93 -2.87 2.80
N SER D 62 -25.82 -3.68 3.84
CA SER D 62 -26.61 -3.54 5.05
C SER D 62 -25.70 -3.22 6.23
N ALA D 63 -26.30 -3.17 7.42
CA ALA D 63 -25.52 -2.91 8.63
C ALA D 63 -24.49 -4.00 8.88
N ARG D 64 -24.79 -5.24 8.45
CA ARG D 64 -23.85 -6.34 8.64
C ARG D 64 -22.54 -6.06 7.90
N GLU D 65 -22.63 -5.70 6.62
CA GLU D 65 -21.43 -5.44 5.82
C GLU D 65 -20.64 -4.26 6.37
N ILE D 66 -21.33 -3.19 6.77
CA ILE D 66 -20.64 -2.02 7.29
C ILE D 66 -19.96 -2.35 8.62
N GLN D 67 -20.63 -3.14 9.47
CA GLN D 67 -20.02 -3.54 10.73
C GLN D 67 -18.77 -4.39 10.50
N THR D 68 -18.83 -5.33 9.57
CA THR D 68 -17.67 -6.17 9.31
C THR D 68 -16.53 -5.35 8.71
N ALA D 69 -16.83 -4.40 7.82
CA ALA D 69 -15.80 -3.51 7.30
C ALA D 69 -15.19 -2.69 8.40
N VAL D 70 -15.99 -2.20 9.35
CA VAL D 70 -15.44 -1.43 10.46
C VAL D 70 -14.51 -2.31 11.29
N ARG D 71 -14.90 -3.55 11.54
CA ARG D 71 -14.01 -4.47 12.26
C ARG D 71 -12.72 -4.69 11.49
N LEU D 72 -12.78 -4.76 10.16
CA LEU D 72 -11.58 -5.01 9.37
C LEU D 72 -10.64 -3.80 9.37
N ILE D 73 -11.19 -2.61 9.16
CA ILE D 73 -10.36 -1.44 8.92
C ILE D 73 -9.80 -0.90 10.21
N LEU D 74 -10.59 -0.65 11.25
CA LEU D 74 -10.11 0.06 12.43
C LEU D 74 -9.24 -0.86 13.33
N PRO D 75 -8.16 -0.36 13.95
CA PRO D 75 -7.43 -1.06 15.02
C PRO D 75 -8.32 -1.44 16.21
N GLY D 76 -7.97 -2.49 16.96
CA GLY D 76 -8.91 -3.22 17.84
C GLY D 76 -9.78 -2.40 18.79
N GLU D 77 -9.23 -1.46 19.52
CA GLU D 77 -10.00 -0.62 20.44
C GLU D 77 -10.96 0.29 19.68
N LEU D 78 -10.47 0.92 18.61
CA LEU D 78 -11.34 1.75 17.79
C LEU D 78 -12.44 0.92 17.14
N SER D 79 -12.11 -0.29 16.69
CA SER D 79 -13.12 -1.15 16.08
C SER D 79 -14.22 -1.49 17.09
N LYS D 80 -13.83 -1.85 18.32
CA LYS D 80 -14.83 -2.20 19.31
C LYS D 80 -15.71 -1.01 19.66
N HIS D 81 -15.11 0.16 19.86
CA HIS D 81 -15.90 1.34 20.21
C HIS D 81 -16.79 1.79 19.07
N ALA D 82 -16.29 1.74 17.83
CA ALA D 82 -17.11 2.12 16.68
C ALA D 82 -18.26 1.14 16.49
N VAL D 83 -18.02 -0.15 16.69
CA VAL D 83 -19.10 -1.13 16.60
C VAL D 83 -20.14 -0.86 17.67
N SER D 84 -19.72 -0.57 18.89
CA SER D 84 -20.67 -0.26 19.95
C SER D 84 -21.51 0.97 19.60
N GLU D 85 -20.87 2.03 19.10
CA GLU D 85 -21.56 3.26 18.77
C GLU D 85 -22.52 3.05 17.60
N GLY D 86 -22.11 2.29 16.60
CA GLY D 86 -22.97 2.03 15.46
C GLY D 86 -24.17 1.17 15.82
N THR D 87 -23.95 0.10 16.60
CA THR D 87 -25.07 -0.75 16.98
C THR D 87 -26.04 -0.02 17.89
N ARG D 88 -25.53 0.85 18.78
CA ARG D 88 -26.42 1.66 19.60
C ARG D 88 -27.25 2.60 18.73
N ALA D 89 -26.63 3.24 17.75
CA ALA D 89 -27.37 4.14 16.87
C ALA D 89 -28.42 3.40 16.07
N VAL D 90 -28.08 2.24 15.54
CA VAL D 90 -29.02 1.47 14.72
C VAL D 90 -30.17 0.96 15.56
N THR D 91 -29.91 0.47 16.78
CA THR D 91 -30.99 -0.01 17.62
C THR D 91 -31.90 1.13 18.06
N LYS D 92 -31.32 2.30 18.34
CA LYS D 92 -32.15 3.46 18.66
C LYS D 92 -32.98 3.89 17.46
N TYR D 93 -32.44 3.78 16.25
CA TYR D 93 -33.17 4.22 15.06
C TYR D 93 -34.32 3.28 14.74
N THR D 94 -34.12 1.97 14.89
CA THR D 94 -35.18 1.01 14.61
C THR D 94 -36.18 0.99 15.74
N SER D 95 -35.80 1.33 16.99
CA SER D 95 -36.74 1.49 18.10
C SER D 95 -37.78 2.58 17.85
N SER D 96 -37.36 3.66 17.19
CA SER D 96 -38.19 4.86 17.01
C SER D 96 -38.99 4.89 15.70
N THR D 97 -38.40 4.45 14.58
CA THR D 97 -38.90 4.71 13.22
C THR D 97 -40.26 4.09 12.84
N GLN D 98 -40.78 3.18 13.67
CA GLN D 98 -42.08 2.53 13.60
C GLN D 98 -42.95 2.65 14.88
N ALA D 99 -42.48 3.32 15.94
CA ALA D 99 -43.07 3.36 17.28
C ALA D 99 -42.95 4.74 17.95
N HIS E 3 31.65 33.58 23.70
CA HIS E 3 32.63 32.75 22.98
C HIS E 3 31.94 31.67 22.12
N ARG E 4 32.70 30.99 21.26
CA ARG E 4 32.25 29.82 20.48
C ARG E 4 31.59 28.76 21.35
N TYR E 5 30.48 28.21 20.85
CA TYR E 5 29.92 26.95 21.34
C TYR E 5 30.72 25.76 20.81
N LYS E 6 30.73 24.62 21.50
CA LYS E 6 31.36 23.39 20.97
C LYS E 6 30.61 22.88 19.72
N PRO E 7 31.26 22.19 18.77
CA PRO E 7 30.64 21.76 17.50
C PRO E 7 29.38 20.87 17.56
N GLY E 8 29.02 20.31 18.71
CA GLY E 8 27.68 19.71 18.89
C GLY E 8 26.53 20.70 19.08
N THR E 9 26.79 21.76 19.81
CA THR E 9 25.73 22.49 20.53
C THR E 9 24.84 23.27 19.60
N VAL E 10 25.40 23.96 18.61
CA VAL E 10 24.58 24.75 17.69
C VAL E 10 23.70 23.85 16.82
N ALA E 11 24.21 22.69 16.41
CA ALA E 11 23.44 21.71 15.67
C ALA E 11 22.24 21.23 16.47
N LEU E 12 22.43 20.97 17.77
CA LEU E 12 21.31 20.56 18.61
C LEU E 12 20.29 21.68 18.74
N ARG E 13 20.75 22.93 18.87
CA ARG E 13 19.82 24.04 18.96
C ARG E 13 18.98 24.16 17.70
N GLU E 14 19.61 24.06 16.54
CA GLU E 14 18.88 24.06 15.29
C GLU E 14 17.91 22.90 15.26
N ILE E 15 18.32 21.69 15.67
CA ILE E 15 17.43 20.54 15.66
C ILE E 15 16.17 20.84 16.45
N ARG E 16 16.34 21.38 17.66
CA ARG E 16 15.17 21.73 18.48
C ARG E 16 14.32 22.80 17.80
N ARG E 17 14.96 23.81 17.23
CA ARG E 17 14.21 24.93 16.64
C ARG E 17 13.37 24.46 15.46
N PHE E 18 13.96 23.69 14.55
CA PHE E 18 13.20 23.24 13.38
C PHE E 18 12.27 22.07 13.68
N GLN E 19 12.49 21.34 14.76
CA GLN E 19 11.49 20.36 15.17
C GLN E 19 10.30 21.01 15.88
N LYS E 20 10.51 22.19 16.48
CA LYS E 20 9.41 22.87 17.16
C LYS E 20 8.51 23.61 16.18
N SER E 21 9.03 24.12 15.06
CA SER E 21 8.27 24.90 14.07
C SER E 21 7.56 24.05 13.00
N THR E 22 6.76 24.70 12.13
CA THR E 22 5.98 24.04 11.05
C THR E 22 6.09 24.72 9.68
N GLU E 23 6.89 25.75 9.51
CA GLU E 23 7.06 26.43 8.20
C GLU E 23 7.71 25.51 7.15
N LEU E 24 7.63 25.90 5.88
CA LEU E 24 8.31 25.23 4.78
C LEU E 24 9.78 25.62 4.76
N LEU E 25 10.67 24.66 4.50
CA LEU E 25 12.11 24.85 4.59
C LEU E 25 12.75 25.28 3.27
N ILE E 26 12.08 25.04 2.13
CA ILE E 26 12.66 25.30 0.82
C ILE E 26 12.06 26.59 0.28
N ARG E 27 12.89 27.44 -0.30
CA ARG E 27 12.42 28.68 -0.88
C ARG E 27 11.44 28.40 -2.01
N LYS E 28 10.41 29.24 -2.12
CA LYS E 28 9.28 28.88 -2.99
C LYS E 28 9.59 29.04 -4.47
N LEU E 29 10.30 30.10 -4.86
CA LEU E 29 10.61 30.29 -6.28
C LEU E 29 11.54 29.22 -6.84
N PRO E 30 12.62 28.82 -6.14
CA PRO E 30 13.43 27.72 -6.68
C PRO E 30 12.65 26.43 -6.86
N PHE E 31 11.82 26.07 -5.88
CA PHE E 31 11.01 24.86 -5.99
C PHE E 31 10.00 24.98 -7.12
N GLN E 32 9.37 26.14 -7.26
CA GLN E 32 8.47 26.38 -8.35
C GLN E 32 9.18 26.17 -9.67
N ARG E 33 10.36 26.77 -9.89
CA ARG E 33 11.09 26.62 -11.14
C ARG E 33 11.47 25.17 -11.39
N LEU E 34 11.88 24.45 -10.34
CA LEU E 34 12.21 23.05 -10.51
C LEU E 34 10.99 22.23 -10.94
N VAL E 35 9.83 22.50 -10.32
CA VAL E 35 8.62 21.78 -10.68
C VAL E 35 8.25 22.05 -12.13
N ARG E 36 8.34 23.30 -12.55
CA ARG E 36 8.01 23.62 -13.94
C ARG E 36 8.99 22.96 -14.91
N GLU E 37 10.28 22.93 -14.56
CA GLU E 37 11.25 22.23 -15.41
C GLU E 37 10.90 20.76 -15.54
N ILE E 38 10.57 20.11 -14.42
CA ILE E 38 10.28 18.69 -14.46
C ILE E 38 9.03 18.41 -15.27
N ALA E 39 8.00 19.25 -15.10
CA ALA E 39 6.78 19.09 -15.88
C ALA E 39 6.98 19.42 -17.36
N GLN E 40 8.02 20.19 -17.69
CA GLN E 40 8.28 20.52 -19.09
C GLN E 40 8.56 19.27 -19.94
N ASP E 41 9.01 18.19 -19.33
CA ASP E 41 9.39 16.99 -20.08
C ASP E 41 8.19 16.13 -20.47
N PHE E 42 7.04 16.33 -19.83
CA PHE E 42 5.87 15.51 -20.10
C PHE E 42 4.83 16.21 -20.97
N LYS E 43 4.72 17.54 -20.89
CA LYS E 43 3.79 18.28 -21.72
C LYS E 43 4.22 19.73 -21.75
N THR E 44 4.25 20.32 -22.94
CA THR E 44 4.70 21.70 -23.09
C THR E 44 3.56 22.66 -22.79
N ASP E 45 3.94 23.89 -22.43
CA ASP E 45 2.99 24.98 -22.16
C ASP E 45 1.99 24.61 -21.07
N LEU E 46 2.48 24.01 -20.00
CA LEU E 46 1.63 23.68 -18.87
C LEU E 46 1.52 24.86 -17.91
N ARG E 47 0.45 24.92 -17.15
CA ARG E 47 0.19 25.95 -16.13
C ARG E 47 -0.08 25.25 -14.81
N PHE E 48 0.23 25.88 -13.71
CA PHE E 48 0.09 25.31 -12.37
C PHE E 48 -0.67 26.24 -11.46
N GLN E 49 -1.68 25.71 -10.78
CA GLN E 49 -2.30 26.44 -9.68
C GLN E 49 -1.32 26.55 -8.53
N SER E 50 -1.42 27.65 -7.77
CA SER E 50 -0.52 27.84 -6.64
C SER E 50 -0.69 26.75 -5.60
N SER E 51 -1.93 26.36 -5.32
CA SER E 51 -2.18 25.32 -4.33
C SER E 51 -1.61 23.97 -4.75
N ALA E 52 -1.55 23.69 -6.05
CA ALA E 52 -0.93 22.44 -6.50
C ALA E 52 0.56 22.42 -6.16
N ILE E 53 1.26 23.52 -6.43
CA ILE E 53 2.68 23.62 -6.11
C ILE E 53 2.87 23.59 -4.59
N GLY E 54 1.96 24.17 -3.82
CA GLY E 54 2.05 24.07 -2.36
C GLY E 54 1.89 22.65 -1.86
N ALA E 55 0.95 21.91 -2.45
CA ALA E 55 0.77 20.51 -2.08
C ALA E 55 2.01 19.68 -2.43
N LEU E 56 2.58 19.94 -3.61
CA LEU E 56 3.81 19.26 -3.99
C LEU E 56 4.93 19.54 -2.99
N GLN E 57 5.07 20.81 -2.61
CA GLN E 57 6.09 21.19 -1.67
C GLN E 57 5.86 20.52 -0.30
N GLU E 58 4.63 20.46 0.19
CA GLU E 58 4.34 19.80 1.46
C GLU E 58 4.69 18.32 1.40
N SER E 59 4.32 17.66 0.31
CA SER E 59 4.65 16.24 0.16
C SER E 59 6.16 16.02 0.14
N VAL E 60 6.89 16.88 -0.57
CA VAL E 60 8.35 16.76 -0.60
C VAL E 60 8.93 16.96 0.80
N GLU E 61 8.48 17.96 1.54
CA GLU E 61 8.98 18.18 2.88
C GLU E 61 8.74 16.95 3.75
N ALA E 62 7.54 16.37 3.74
CA ALA E 62 7.28 15.20 4.57
C ALA E 62 8.14 14.02 4.16
N TYR E 63 8.26 13.77 2.86
CA TYR E 63 9.02 12.60 2.39
C TYR E 63 10.49 12.75 2.74
N LEU E 64 11.06 13.93 2.52
CA LEU E 64 12.48 14.14 2.82
C LEU E 64 12.74 14.10 4.31
N VAL E 65 11.81 14.57 5.10
CA VAL E 65 12.00 14.55 6.53
C VAL E 65 12.01 13.11 7.00
N SER E 66 11.06 12.29 6.55
CA SER E 66 11.02 10.88 6.92
C SER E 66 12.28 10.15 6.44
N LEU E 67 12.76 10.47 5.24
CA LEU E 67 13.97 9.84 4.73
C LEU E 67 15.17 10.19 5.59
N PHE E 68 15.27 11.45 6.03
CA PHE E 68 16.40 11.83 6.87
C PHE E 68 16.30 11.19 8.26
N GLU E 69 15.09 11.01 8.77
CA GLU E 69 14.94 10.29 10.03
C GLU E 69 15.44 8.86 9.90
N ASP E 70 15.02 8.17 8.84
CA ASP E 70 15.47 6.79 8.64
C ASP E 70 16.97 6.73 8.43
N THR E 71 17.53 7.69 7.72
CA THR E 71 18.98 7.77 7.54
C THR E 71 19.66 7.95 8.89
N ASN E 72 19.11 8.79 9.78
CA ASN E 72 19.71 8.97 11.10
C ASN E 72 19.69 7.68 11.90
N LEU E 73 18.58 6.94 11.87
CA LEU E 73 18.53 5.67 12.58
C LEU E 73 19.53 4.67 12.02
N CYS E 74 19.61 4.51 10.70
CA CYS E 74 20.56 3.55 10.14
C CYS E 74 22.01 4.02 10.29
N ALA E 75 22.25 5.31 10.50
CA ALA E 75 23.59 5.77 10.85
C ALA E 75 23.93 5.42 12.29
N ILE E 76 22.98 5.64 13.21
CA ILE E 76 23.19 5.28 14.61
C ILE E 76 23.38 3.78 14.74
N HIS E 77 22.78 3.00 13.84
CA HIS E 77 23.00 1.56 13.86
C HIS E 77 24.47 1.21 13.68
N ALA E 78 25.19 1.97 12.84
CA ALA E 78 26.59 1.70 12.56
C ALA E 78 27.53 2.32 13.58
N LYS E 79 27.03 2.69 14.76
CA LYS E 79 27.84 3.32 15.81
C LYS E 79 28.54 4.58 15.29
N ARG E 80 27.83 5.38 14.47
CA ARG E 80 28.28 6.67 13.89
C ARG E 80 27.33 7.80 14.28
N VAL E 81 27.81 9.04 14.18
CA VAL E 81 26.98 10.24 14.19
C VAL E 81 26.72 10.76 12.78
N THR E 82 27.74 10.76 11.93
CA THR E 82 27.71 11.37 10.59
C THR E 82 27.03 10.50 9.54
N ILE E 83 26.23 11.05 8.61
CA ILE E 83 25.50 10.23 7.65
C ILE E 83 26.20 10.31 6.29
N GLN E 84 26.45 9.16 5.71
CA GLN E 84 27.11 9.04 4.43
C GLN E 84 26.12 8.62 3.35
N LYS E 85 26.53 8.70 2.08
CA LYS E 85 25.69 8.30 0.96
C LYS E 85 25.20 6.86 1.09
N LYS E 86 26.03 5.93 1.57
CA LYS E 86 25.66 4.54 1.72
C LYS E 86 24.52 4.37 2.73
N ASP E 87 24.43 5.27 3.71
CA ASP E 87 23.35 5.21 4.67
C ASP E 87 22.00 5.50 4.01
N ILE E 88 21.96 6.54 3.18
CA ILE E 88 20.74 6.85 2.43
C ILE E 88 20.40 5.72 1.48
N LEU E 89 21.42 5.11 0.85
CA LEU E 89 21.17 4.00 -0.05
C LEU E 89 20.54 2.82 0.70
N LEU E 90 21.05 2.50 1.89
CA LEU E 90 20.46 1.43 2.68
C LEU E 90 19.04 1.77 3.10
N ALA E 91 18.81 3.03 3.52
CA ALA E 91 17.48 3.42 3.97
C ALA E 91 16.47 3.31 2.84
N ARG E 92 16.86 3.68 1.63
CA ARG E 92 15.95 3.54 0.50
C ARG E 92 15.79 2.10 0.05
N ARG E 93 16.84 1.28 0.16
CA ARG E 93 16.77 -0.14 -0.22
C ARG E 93 15.84 -0.90 0.69
N LEU E 94 15.91 -0.65 2.00
CA LEU E 94 15.07 -1.39 2.93
C LEU E 94 13.61 -0.96 2.83
N ARG E 95 13.34 0.30 2.50
CA ARG E 95 11.98 0.79 2.37
C ARG E 95 11.32 0.39 1.05
N GLY E 96 11.99 -0.41 0.22
CA GLY E 96 11.43 -0.83 -1.05
C GLY E 96 11.26 0.29 -2.06
N GLU E 97 12.29 1.12 -2.20
CA GLU E 97 12.30 2.17 -3.22
C GLU E 97 13.35 1.93 -4.30
N ARG E 98 14.15 0.88 -4.18
CA ARG E 98 15.13 0.54 -5.19
C ARG E 98 14.96 -0.89 -5.72
N ILE F 6 11.74 27.78 -21.51
CA ILE F 6 12.79 26.76 -21.44
C ILE F 6 13.67 26.98 -20.19
N LEU F 7 14.17 25.90 -19.59
CA LEU F 7 14.81 25.85 -18.27
C LEU F 7 16.09 24.97 -18.28
N ARG F 8 17.03 25.22 -17.35
CA ARG F 8 18.43 24.75 -17.43
C ARG F 8 18.93 23.75 -16.35
N ASP F 9 19.07 24.18 -15.08
CA ASP F 9 19.84 23.44 -14.05
C ASP F 9 19.22 23.58 -12.64
N ASN F 10 17.89 23.65 -12.58
CA ASN F 10 17.13 24.11 -11.43
C ASN F 10 17.19 23.20 -10.20
N ILE F 11 17.67 21.95 -10.32
CA ILE F 11 18.01 21.17 -9.13
C ILE F 11 19.11 21.80 -8.29
N GLN F 12 19.99 22.69 -8.80
CA GLN F 12 20.81 23.40 -7.83
C GLN F 12 20.03 24.43 -7.00
N GLY F 13 18.86 24.86 -7.48
CA GLY F 13 18.07 25.78 -6.69
C GLY F 13 17.76 25.27 -5.30
N ILE F 14 17.83 23.96 -5.08
CA ILE F 14 17.72 23.39 -3.75
C ILE F 14 19.08 23.48 -3.09
N THR F 15 19.31 24.60 -2.39
CA THR F 15 20.65 24.92 -1.92
C THR F 15 21.05 24.01 -0.77
N LYS F 16 22.36 24.02 -0.49
CA LYS F 16 22.89 23.23 0.62
C LYS F 16 22.28 23.60 1.97
N PRO F 17 22.10 24.88 2.34
CA PRO F 17 21.43 25.17 3.62
C PRO F 17 20.02 24.61 3.71
N ALA F 18 19.29 24.54 2.61
CA ALA F 18 17.95 23.96 2.65
C ALA F 18 17.99 22.48 3.01
N ILE F 19 18.92 21.74 2.41
CA ILE F 19 19.08 20.33 2.77
C ILE F 19 19.55 20.18 4.21
N ARG F 20 20.41 21.08 4.67
CA ARG F 20 20.84 21.06 6.05
C ARG F 20 19.65 21.24 6.97
N ARG F 21 18.78 22.21 6.71
CA ARG F 21 17.56 22.46 7.49
C ARG F 21 16.62 21.27 7.44
N LEU F 22 16.51 20.60 6.30
CA LEU F 22 15.69 19.40 6.21
C LEU F 22 16.24 18.28 7.09
N ALA F 23 17.56 18.10 7.11
CA ALA F 23 18.18 17.12 7.96
C ALA F 23 18.05 17.51 9.43
N ARG F 24 18.06 18.81 9.75
CA ARG F 24 17.87 19.27 11.13
C ARG F 24 16.48 18.91 11.64
N ARG F 25 15.45 19.10 10.81
CA ARG F 25 14.13 18.63 11.21
C ARG F 25 14.10 17.12 11.39
N GLY F 26 14.87 16.38 10.60
CA GLY F 26 14.91 14.94 10.73
C GLY F 26 15.71 14.45 11.91
N GLY F 27 16.43 15.34 12.60
CA GLY F 27 17.22 14.94 13.74
C GLY F 27 18.64 14.54 13.44
N VAL F 28 19.19 14.95 12.31
CA VAL F 28 20.57 14.64 11.92
C VAL F 28 21.50 15.71 12.47
N LYS F 29 22.58 15.30 13.15
CA LYS F 29 23.51 16.23 13.80
C LYS F 29 24.74 16.54 12.95
N ARG F 30 25.17 15.61 12.11
CA ARG F 30 26.39 15.79 11.32
C ARG F 30 26.19 15.17 9.95
N ILE F 31 26.56 15.88 8.91
CA ILE F 31 26.24 15.53 7.52
C ILE F 31 27.51 15.44 6.69
N SER F 32 27.75 14.34 6.01
CA SER F 32 28.87 14.24 5.09
C SER F 32 28.64 15.10 3.85
N ALA F 33 29.74 15.45 3.19
CA ALA F 33 29.66 16.37 2.05
C ALA F 33 29.00 15.76 0.82
N LEU F 34 28.90 14.43 0.74
CA LEU F 34 28.36 13.76 -0.44
C LEU F 34 26.86 13.51 -0.35
N ILE F 35 26.21 13.87 0.77
CA ILE F 35 24.79 13.62 0.94
C ILE F 35 23.96 14.43 -0.05
N TYR F 36 24.42 15.64 -0.38
CA TYR F 36 23.58 16.60 -1.09
C TYR F 36 23.21 16.12 -2.49
N GLU F 37 24.17 15.55 -3.23
CA GLU F 37 23.87 15.09 -4.57
C GLU F 37 22.87 13.94 -4.55
N GLU F 38 23.02 13.01 -3.61
CA GLU F 38 22.07 11.91 -3.50
C GLU F 38 20.68 12.42 -3.14
N VAL F 39 20.61 13.40 -2.25
CA VAL F 39 19.30 13.96 -1.89
C VAL F 39 18.68 14.65 -3.10
N ARG F 40 19.47 15.36 -3.89
CA ARG F 40 18.94 15.98 -5.09
C ARG F 40 18.43 14.95 -6.08
N ALA F 41 19.15 13.83 -6.23
CA ALA F 41 18.68 12.78 -7.13
C ALA F 41 17.37 12.17 -6.65
N VAL F 42 17.27 11.92 -5.34
CA VAL F 42 16.03 11.39 -4.77
C VAL F 42 14.89 12.34 -5.01
N LEU F 43 15.13 13.64 -4.79
CA LEU F 43 14.12 14.65 -5.06
C LEU F 43 13.70 14.65 -6.51
N LYS F 44 14.65 14.57 -7.44
CA LYS F 44 14.33 14.61 -8.85
C LYS F 44 13.51 13.38 -9.24
N THR F 45 13.77 12.20 -8.69
CA THR F 45 12.97 11.03 -9.06
C THR F 45 11.57 11.08 -8.46
N PHE F 46 11.46 11.46 -7.17
CA PHE F 46 10.14 11.52 -6.55
C PHE F 46 9.27 12.57 -7.24
N LEU F 47 9.78 13.78 -7.46
CA LEU F 47 9.04 14.81 -8.20
C LEU F 47 8.72 14.34 -9.62
N GLU F 48 9.61 13.60 -10.29
CA GLU F 48 9.28 13.09 -11.62
C GLU F 48 8.07 12.18 -11.58
N ASN F 49 8.02 11.27 -10.61
CA ASN F 49 6.89 10.35 -10.52
C ASN F 49 5.59 11.12 -10.25
N VAL F 50 5.61 12.01 -9.25
CA VAL F 50 4.37 12.70 -8.87
C VAL F 50 3.90 13.60 -10.01
N ILE F 51 4.83 14.28 -10.68
CA ILE F 51 4.45 15.16 -11.78
C ILE F 51 3.94 14.35 -12.96
N ARG F 52 4.53 13.19 -13.23
CA ARG F 52 4.02 12.34 -14.30
C ARG F 52 2.57 11.96 -14.04
N ASP F 53 2.24 11.47 -12.85
CA ASP F 53 0.86 11.09 -12.57
C ASP F 53 -0.04 12.33 -12.60
N ALA F 54 0.37 13.48 -12.06
CA ALA F 54 -0.48 14.66 -12.08
C ALA F 54 -0.76 15.12 -13.51
N VAL F 55 0.26 15.11 -14.37
CA VAL F 55 0.07 15.50 -15.76
C VAL F 55 -0.82 14.50 -16.48
N THR F 56 -0.72 13.21 -16.14
CA THR F 56 -1.62 12.23 -16.74
C THR F 56 -3.07 12.54 -16.36
N TYR F 57 -3.32 12.79 -15.07
CA TYR F 57 -4.68 13.14 -14.64
C TYR F 57 -5.17 14.41 -15.32
N THR F 58 -4.28 15.39 -15.49
CA THR F 58 -4.69 16.63 -16.16
C THR F 58 -5.01 16.38 -17.63
N GLU F 59 -4.16 15.61 -18.31
CA GLU F 59 -4.39 15.31 -19.72
C GLU F 59 -5.70 14.56 -19.94
N HIS F 60 -6.10 13.72 -18.98
CA HIS F 60 -7.36 13.01 -19.14
C HIS F 60 -8.55 13.96 -19.20
N ALA F 61 -8.54 15.00 -18.35
CA ALA F 61 -9.66 15.93 -18.29
C ALA F 61 -9.63 16.98 -19.39
N LYS F 62 -8.71 16.87 -20.35
CA LYS F 62 -8.57 17.84 -21.44
C LYS F 62 -8.33 19.24 -20.91
N ARG F 63 -7.59 19.34 -19.81
CA ARG F 63 -7.22 20.62 -19.22
C ARG F 63 -5.78 20.95 -19.57
N LYS F 64 -5.42 22.21 -19.37
CA LYS F 64 -4.06 22.67 -19.58
C LYS F 64 -3.42 23.22 -18.30
N THR F 65 -4.16 23.28 -17.20
CA THR F 65 -3.66 23.70 -15.87
C THR F 65 -3.66 22.52 -14.90
N VAL F 66 -2.62 22.40 -14.08
CA VAL F 66 -2.54 21.34 -13.08
C VAL F 66 -3.16 21.87 -11.79
N THR F 67 -4.30 21.31 -11.41
CA THR F 67 -5.01 21.74 -10.21
C THR F 67 -4.51 20.97 -8.99
N SER F 68 -4.81 21.51 -7.82
CA SER F 68 -4.41 20.85 -6.57
C SER F 68 -5.06 19.49 -6.44
N LEU F 69 -6.28 19.34 -6.96
CA LEU F 69 -6.95 18.05 -6.90
C LEU F 69 -6.19 16.97 -7.66
N ASP F 70 -5.62 17.34 -8.81
CA ASP F 70 -4.84 16.37 -9.58
C ASP F 70 -3.63 15.88 -8.80
N VAL F 71 -2.92 16.82 -8.15
CA VAL F 71 -1.75 16.45 -7.36
C VAL F 71 -2.16 15.58 -6.18
N VAL F 72 -3.27 15.93 -5.52
CA VAL F 72 -3.73 15.16 -4.37
C VAL F 72 -4.11 13.75 -4.80
N TYR F 73 -4.78 13.61 -5.94
CA TYR F 73 -5.16 12.28 -6.43
C TYR F 73 -3.92 11.47 -6.79
N ALA F 74 -2.93 12.10 -7.43
CA ALA F 74 -1.71 11.38 -7.77
C ALA F 74 -0.99 10.90 -6.51
N LEU F 75 -0.90 11.77 -5.50
CA LEU F 75 -0.26 11.36 -4.26
C LEU F 75 -1.02 10.23 -3.59
N LYS F 76 -2.35 10.29 -3.57
CA LYS F 76 -3.14 9.21 -3.01
C LYS F 76 -2.90 7.90 -3.75
N ARG F 77 -2.73 7.95 -5.07
CA ARG F 77 -2.39 6.76 -5.86
C ARG F 77 -1.01 6.24 -5.48
N GLN F 78 -0.04 7.11 -5.25
CA GLN F 78 1.30 6.70 -4.84
C GLN F 78 1.32 6.05 -3.45
N GLY F 79 0.22 6.06 -2.69
CA GLY F 79 0.14 5.47 -1.39
C GLY F 79 0.48 6.40 -0.24
N ARG F 80 0.80 7.66 -0.54
CA ARG F 80 1.04 8.67 0.48
C ARG F 80 -0.04 9.74 0.35
N THR F 81 -0.90 9.84 1.36
CA THR F 81 -2.12 10.63 1.27
C THR F 81 -1.89 11.99 1.94
N LEU F 82 -2.23 13.05 1.23
CA LEU F 82 -2.03 14.41 1.72
C LEU F 82 -3.38 14.99 2.16
N TYR F 83 -3.42 15.50 3.38
CA TYR F 83 -4.61 16.13 3.94
C TYR F 83 -4.46 17.64 3.94
N GLY F 84 -5.59 18.34 3.76
CA GLY F 84 -5.62 19.78 3.88
C GLY F 84 -5.60 20.54 2.58
N PHE F 85 -5.49 19.86 1.44
CA PHE F 85 -5.47 20.51 0.15
C PHE F 85 -6.67 20.15 -0.72
N GLY F 86 -7.72 19.58 -0.12
CA GLY F 86 -8.91 19.22 -0.85
C GLY F 86 -8.98 17.73 -1.13
N GLY F 87 -10.16 17.27 -1.57
CA GLY F 87 -10.41 15.88 -1.99
C GLY F 87 -10.72 14.98 -0.81
N ALA G 2 -26.38 -17.18 -36.68
CA ALA G 2 -25.10 -17.17 -35.95
C ALA G 2 -24.09 -16.21 -36.60
N SER G 3 -23.06 -15.76 -35.87
CA SER G 3 -21.98 -14.88 -36.36
C SER G 3 -20.73 -14.92 -35.49
N THR G 4 -19.63 -14.36 -36.01
CA THR G 4 -18.29 -14.30 -35.43
C THR G 4 -18.22 -13.74 -34.01
N SER G 5 -17.39 -14.34 -33.15
CA SER G 5 -17.06 -13.83 -31.81
C SER G 5 -16.41 -12.44 -31.87
N ARG G 6 -16.64 -11.58 -30.88
CA ARG G 6 -16.00 -10.26 -30.87
C ARG G 6 -14.48 -10.33 -30.74
N SER G 7 -13.90 -11.41 -30.22
CA SER G 7 -12.44 -11.52 -30.22
C SER G 7 -11.90 -11.68 -31.64
N SER G 8 -12.58 -12.47 -32.47
CA SER G 8 -12.16 -12.62 -33.86
C SER G 8 -12.31 -11.30 -34.61
N LYS G 9 -13.37 -10.52 -34.35
CA LYS G 9 -13.54 -9.19 -34.96
C LYS G 9 -12.38 -8.28 -34.56
N ALA G 10 -12.00 -8.28 -33.29
CA ALA G 10 -10.86 -7.50 -32.87
C ALA G 10 -9.53 -8.16 -33.21
N GLY G 11 -9.53 -9.47 -33.49
CA GLY G 11 -8.30 -10.17 -33.75
C GLY G 11 -7.53 -10.54 -32.51
N LEU G 12 -8.22 -10.86 -31.42
CA LEU G 12 -7.60 -11.21 -30.15
C LEU G 12 -8.00 -12.62 -29.76
N THR G 13 -7.25 -13.20 -28.81
CA THR G 13 -7.53 -14.54 -28.33
C THR G 13 -8.37 -14.53 -27.05
N PHE G 14 -8.20 -13.51 -26.21
CA PHE G 14 -8.98 -13.43 -24.97
C PHE G 14 -10.43 -13.08 -25.29
N PRO G 15 -11.38 -13.49 -24.43
CA PRO G 15 -12.80 -13.26 -24.71
C PRO G 15 -13.22 -11.83 -24.43
N VAL G 16 -13.58 -11.10 -25.50
CA VAL G 16 -14.04 -9.73 -25.33
C VAL G 16 -15.39 -9.70 -24.63
N GLY G 17 -16.30 -10.60 -25.00
CA GLY G 17 -17.63 -10.59 -24.43
C GLY G 17 -17.63 -10.89 -22.93
N ARG G 18 -16.79 -11.83 -22.51
CA ARG G 18 -16.73 -12.17 -21.09
C ARG G 18 -16.19 -11.01 -20.27
N VAL G 19 -15.19 -10.30 -20.79
CA VAL G 19 -14.69 -9.11 -20.11
C VAL G 19 -15.76 -8.04 -20.07
N HIS G 20 -16.56 -7.92 -21.14
CA HIS G 20 -17.67 -6.98 -21.13
C HIS G 20 -18.68 -7.32 -20.04
N ARG G 21 -18.99 -8.61 -19.88
CA ARG G 21 -19.91 -9.02 -18.83
C ARG G 21 -19.34 -8.71 -17.45
N LEU G 22 -18.04 -8.95 -17.28
CA LEU G 22 -17.40 -8.67 -16.00
C LEU G 22 -17.42 -7.18 -15.69
N LEU G 23 -17.21 -6.34 -16.69
CA LEU G 23 -17.28 -4.90 -16.50
C LEU G 23 -18.69 -4.46 -16.14
N ARG G 24 -19.70 -5.05 -16.80
CA ARG G 24 -21.07 -4.70 -16.46
C ARG G 24 -21.44 -5.13 -15.05
N ARG G 25 -20.99 -6.31 -14.62
CA ARG G 25 -21.40 -6.88 -13.34
C ARG G 25 -20.50 -6.49 -12.19
N GLY G 26 -19.35 -5.86 -12.46
CA GLY G 26 -18.42 -5.54 -11.41
C GLY G 26 -18.69 -4.26 -10.65
N ASN G 27 -19.75 -3.54 -10.99
CA ASN G 27 -20.14 -2.30 -10.31
C ASN G 27 -19.01 -1.27 -10.39
N TYR G 28 -18.64 -0.93 -11.62
CA TYR G 28 -17.62 0.10 -11.87
C TYR G 28 -18.21 1.42 -12.35
N ALA G 29 -19.26 1.37 -13.16
CA ALA G 29 -19.94 2.58 -13.62
C ALA G 29 -21.31 2.19 -14.12
N GLN G 30 -22.17 3.20 -14.29
CA GLN G 30 -23.52 2.94 -14.78
C GLN G 30 -23.55 2.56 -16.25
N ARG G 31 -22.54 2.93 -17.02
CA ARG G 31 -22.47 2.61 -18.44
C ARG G 31 -21.07 2.11 -18.78
N ILE G 32 -21.00 1.32 -19.86
CA ILE G 32 -19.75 0.77 -20.34
C ILE G 32 -19.67 1.00 -21.84
N GLY G 33 -18.60 1.66 -22.29
CA GLY G 33 -18.43 1.92 -23.69
C GLY G 33 -18.17 0.65 -24.49
N SER G 34 -18.30 0.79 -25.81
CA SER G 34 -18.13 -0.37 -26.69
C SER G 34 -16.66 -0.76 -26.81
N GLY G 35 -15.76 0.22 -26.92
CA GLY G 35 -14.36 -0.08 -27.09
C GLY G 35 -13.59 -0.39 -25.83
N ALA G 36 -14.18 -0.13 -24.66
CA ALA G 36 -13.47 -0.38 -23.40
C ALA G 36 -13.15 -1.86 -23.20
N PRO G 37 -14.09 -2.80 -23.38
CA PRO G 37 -13.71 -4.21 -23.23
C PRO G 37 -12.68 -4.65 -24.24
N VAL G 38 -12.73 -4.14 -25.47
CA VAL G 38 -11.73 -4.51 -26.48
C VAL G 38 -10.35 -4.02 -26.05
N TYR G 39 -10.26 -2.78 -25.59
CA TYR G 39 -8.98 -2.24 -25.15
C TYR G 39 -8.44 -3.03 -23.95
N LEU G 40 -9.30 -3.31 -22.98
CA LEU G 40 -8.85 -4.04 -21.80
C LEU G 40 -8.43 -5.46 -22.15
N THR G 41 -9.15 -6.10 -23.06
CA THR G 41 -8.79 -7.44 -23.52
C THR G 41 -7.43 -7.43 -24.22
N ALA G 42 -7.19 -6.42 -25.06
CA ALA G 42 -5.90 -6.34 -25.74
C ALA G 42 -4.77 -6.13 -24.75
N VAL G 43 -4.95 -5.26 -23.76
CA VAL G 43 -3.92 -5.06 -22.75
C VAL G 43 -3.65 -6.32 -21.96
N LEU G 44 -4.71 -7.02 -21.53
CA LEU G 44 -4.52 -8.26 -20.79
C LEU G 44 -3.80 -9.30 -21.63
N GLU G 45 -4.15 -9.40 -22.91
CA GLU G 45 -3.50 -10.36 -23.79
C GLU G 45 -2.03 -10.03 -23.95
N TYR G 46 -1.69 -8.74 -24.09
CA TYR G 46 -0.28 -8.37 -24.20
C TYR G 46 0.49 -8.74 -22.95
N LEU G 47 -0.08 -8.45 -21.78
CA LEU G 47 0.63 -8.75 -20.54
C LEU G 47 0.82 -10.26 -20.37
N ALA G 48 -0.22 -11.04 -20.67
CA ALA G 48 -0.11 -12.49 -20.58
C ALA G 48 0.94 -13.02 -21.56
N ALA G 49 0.96 -12.49 -22.78
CA ALA G 49 1.93 -12.93 -23.77
C ALA G 49 3.35 -12.61 -23.32
N GLU G 50 3.56 -11.43 -22.73
CA GLU G 50 4.89 -11.07 -22.24
C GLU G 50 5.35 -12.01 -21.13
N ILE G 51 4.49 -12.26 -20.14
CA ILE G 51 4.84 -13.15 -19.03
C ILE G 51 5.15 -14.53 -19.56
N LEU G 52 4.32 -15.07 -20.46
CA LEU G 52 4.58 -16.41 -20.99
C LEU G 52 5.84 -16.46 -21.85
N GLU G 53 6.16 -15.40 -22.61
CA GLU G 53 7.40 -15.38 -23.36
C GLU G 53 8.60 -15.45 -22.41
N LEU G 54 8.60 -14.64 -21.36
CA LEU G 54 9.73 -14.68 -20.44
C LEU G 54 9.79 -16.00 -19.68
N ALA G 55 8.64 -16.57 -19.31
CA ALA G 55 8.65 -17.86 -18.63
C ALA G 55 9.15 -18.97 -19.54
N GLY G 56 8.77 -18.92 -20.82
CA GLY G 56 9.26 -19.92 -21.76
C GLY G 56 10.75 -19.81 -21.98
N ASN G 57 11.26 -18.57 -22.07
CA ASN G 57 12.72 -18.40 -22.17
C ASN G 57 13.42 -18.95 -20.94
N ALA G 58 12.88 -18.67 -19.75
CA ALA G 58 13.49 -19.18 -18.52
C ALA G 58 13.47 -20.70 -18.49
N ALA G 59 12.36 -21.31 -18.94
CA ALA G 59 12.28 -22.77 -18.95
C ALA G 59 13.25 -23.37 -19.96
N ARG G 60 13.41 -22.76 -21.14
CA ARG G 60 14.40 -23.23 -22.13
C ARG G 60 15.81 -23.09 -21.59
N ASP G 61 16.09 -22.05 -20.81
CA ASP G 61 17.44 -21.92 -20.24
C ASP G 61 17.75 -23.07 -19.29
N ASN G 62 16.75 -23.46 -18.49
CA ASN G 62 16.94 -24.53 -17.53
C ASN G 62 16.83 -25.90 -18.23
N LYS G 63 16.73 -25.96 -19.56
CA LYS G 63 16.56 -27.17 -20.41
C LYS G 63 15.27 -27.95 -20.16
N LYS G 64 14.24 -27.28 -19.62
CA LYS G 64 12.94 -27.85 -19.31
C LYS G 64 11.96 -27.52 -20.43
N SER G 65 10.96 -28.39 -20.59
CA SER G 65 9.92 -28.20 -21.59
C SER G 65 8.56 -27.97 -20.96
N ARG G 66 8.47 -27.61 -19.68
CA ARG G 66 7.21 -27.42 -18.96
C ARG G 66 7.37 -26.25 -18.01
N ILE G 67 6.54 -25.23 -18.16
CA ILE G 67 6.65 -24.03 -17.34
C ILE G 67 6.10 -24.32 -15.96
N ILE G 68 6.88 -24.10 -14.92
CA ILE G 68 6.49 -24.30 -13.51
C ILE G 68 6.62 -22.97 -12.77
N PRO G 69 6.05 -22.80 -11.57
CA PRO G 69 6.10 -21.52 -10.86
C PRO G 69 7.52 -20.98 -10.67
N ARG G 70 8.52 -21.84 -10.58
CA ARG G 70 9.89 -21.36 -10.43
C ARG G 70 10.28 -20.50 -11.62
N HIS G 71 9.88 -20.90 -12.84
CA HIS G 71 10.14 -20.15 -14.06
C HIS G 71 9.34 -18.84 -14.10
N LEU G 72 8.15 -18.81 -13.49
CA LEU G 72 7.42 -17.55 -13.36
C LEU G 72 8.16 -16.59 -12.44
N GLN G 73 8.66 -17.10 -11.31
CA GLN G 73 9.41 -16.24 -10.40
C GLN G 73 10.68 -15.71 -11.05
N LEU G 74 11.41 -16.58 -11.76
CA LEU G 74 12.61 -16.10 -12.43
C LEU G 74 12.29 -15.04 -13.46
N ALA G 75 11.25 -15.27 -14.28
CA ALA G 75 10.89 -14.31 -15.32
C ALA G 75 10.48 -12.97 -14.72
N ILE G 76 9.69 -12.99 -13.65
CA ILE G 76 9.19 -11.74 -13.08
C ILE G 76 10.31 -10.99 -12.36
N ARG G 77 11.07 -11.68 -11.50
CA ARG G 77 12.09 -11.00 -10.72
C ARG G 77 13.30 -10.62 -11.56
N ASN G 78 13.50 -11.25 -12.72
CA ASN G 78 14.63 -10.88 -13.56
C ASN G 78 14.35 -9.63 -14.39
N ASP G 79 13.11 -9.38 -14.85
CA ASP G 79 12.76 -8.15 -15.57
C ASP G 79 12.37 -7.00 -14.66
N GLU G 80 13.06 -5.86 -14.76
CA GLU G 80 12.75 -4.66 -13.99
C GLU G 80 11.33 -4.10 -14.16
N GLU G 81 10.71 -4.10 -15.35
CA GLU G 81 9.38 -3.50 -15.47
C GLU G 81 8.34 -4.30 -14.70
N LEU G 82 8.33 -5.62 -14.91
CA LEU G 82 7.38 -6.49 -14.25
C LEU G 82 7.70 -6.61 -12.77
N ASN G 83 8.94 -6.42 -12.34
CA ASN G 83 9.25 -6.39 -10.91
C ASN G 83 8.68 -5.14 -10.26
N LYS G 84 8.69 -4.02 -10.97
CA LYS G 84 7.99 -2.83 -10.48
C LYS G 84 6.49 -3.06 -10.44
N LEU G 85 5.95 -3.72 -11.45
CA LEU G 85 4.50 -3.97 -11.49
C LEU G 85 4.08 -4.93 -10.38
N LEU G 86 4.84 -5.99 -10.16
CA LEU G 86 4.49 -7.04 -9.20
C LEU G 86 5.44 -7.06 -8.01
N GLY G 87 5.83 -5.88 -7.52
CA GLY G 87 6.77 -5.83 -6.41
C GLY G 87 6.18 -6.27 -5.08
N HIS G 88 4.86 -6.15 -4.94
CA HIS G 88 4.18 -6.54 -3.70
C HIS G 88 3.41 -7.85 -3.85
N VAL G 89 3.80 -8.69 -4.80
CA VAL G 89 3.07 -9.92 -5.12
C VAL G 89 3.93 -11.10 -4.73
N THR G 90 3.34 -12.06 -4.01
CA THR G 90 4.01 -13.29 -3.61
C THR G 90 3.52 -14.43 -4.49
N ILE G 91 4.46 -15.21 -5.00
CA ILE G 91 4.16 -16.34 -5.89
C ILE G 91 4.42 -17.62 -5.12
N ALA G 92 3.39 -18.46 -5.00
CA ALA G 92 3.52 -19.72 -4.30
C ALA G 92 4.49 -20.63 -5.05
N GLN G 93 5.33 -21.34 -4.30
CA GLN G 93 6.31 -22.26 -4.85
C GLN G 93 7.25 -21.57 -5.83
N GLY G 94 7.57 -20.30 -5.58
CA GLY G 94 8.38 -19.54 -6.49
C GLY G 94 9.85 -19.47 -6.12
N GLY G 95 10.15 -19.70 -4.84
CA GLY G 95 11.52 -19.59 -4.41
C GLY G 95 12.02 -18.16 -4.44
N VAL G 96 13.34 -18.03 -4.35
CA VAL G 96 14.00 -16.73 -4.33
C VAL G 96 15.12 -16.73 -5.37
N LEU G 97 15.55 -15.53 -5.77
CA LEU G 97 16.63 -15.41 -6.73
C LEU G 97 17.95 -15.84 -6.09
N PRO G 98 18.80 -16.55 -6.82
CA PRO G 98 20.09 -16.98 -6.26
C PRO G 98 21.08 -15.82 -6.15
N ASN G 99 20.96 -15.02 -5.09
CA ASN G 99 21.81 -13.87 -4.87
C ASN G 99 22.55 -14.07 -3.55
N ILE G 100 23.87 -13.94 -3.58
CA ILE G 100 24.72 -14.05 -2.40
C ILE G 100 25.51 -12.77 -2.24
N GLN G 101 25.58 -12.27 -1.01
CA GLN G 101 26.31 -11.04 -0.74
C GLN G 101 27.81 -11.23 -0.97
N SER G 102 28.46 -10.18 -1.46
CA SER G 102 29.86 -10.28 -1.85
C SER G 102 30.78 -10.53 -0.66
N GLU G 103 30.51 -9.91 0.49
CA GLU G 103 31.42 -10.02 1.62
C GLU G 103 31.42 -11.42 2.22
N LEU G 104 30.32 -12.17 2.05
CA LEU G 104 30.19 -13.52 2.58
C LEU G 104 31.00 -14.55 1.77
N LEU G 105 31.44 -14.19 0.56
CA LEU G 105 32.22 -15.09 -0.26
C LEU G 105 33.61 -15.27 0.33
N PRO G 106 34.22 -16.45 0.14
CA PRO G 106 35.57 -16.66 0.67
C PRO G 106 36.58 -15.70 0.06
N LYS G 107 37.68 -15.48 0.78
CA LYS G 107 38.77 -14.51 0.53
C LYS G 107 38.36 -13.05 0.81
N LYS H 6 -17.58 -22.84 -13.28
CA LYS H 6 -16.58 -21.89 -12.80
C LYS H 6 -15.63 -21.47 -13.92
N GLU H 7 -15.88 -20.31 -14.51
CA GLU H 7 -15.07 -19.76 -15.60
C GLU H 7 -13.67 -19.37 -15.12
N SER H 8 -12.69 -19.47 -16.01
CA SER H 8 -11.33 -18.96 -15.75
C SER H 8 -10.63 -18.64 -17.06
N TYR H 9 -9.53 -17.90 -17.01
CA TYR H 9 -8.81 -17.60 -18.23
C TYR H 9 -8.03 -18.80 -18.81
N ALA H 10 -8.04 -19.95 -18.16
CA ALA H 10 -7.08 -21.03 -18.39
C ALA H 10 -6.93 -21.46 -19.87
N SER H 11 -8.03 -21.70 -20.58
CA SER H 11 -7.96 -22.12 -21.98
C SER H 11 -7.33 -21.07 -22.88
N TYR H 12 -7.67 -19.80 -22.69
CA TYR H 12 -7.09 -18.68 -23.43
C TYR H 12 -5.58 -18.55 -23.18
N ILE H 13 -5.14 -18.74 -21.94
CA ILE H 13 -3.70 -18.73 -21.65
C ILE H 13 -3.00 -19.86 -22.42
N TYR H 14 -3.63 -21.04 -22.45
CA TYR H 14 -3.05 -22.15 -23.19
C TYR H 14 -2.92 -21.83 -24.68
N LYS H 15 -3.97 -21.22 -25.24
CA LYS H 15 -3.92 -20.84 -26.65
C LYS H 15 -2.82 -19.82 -26.92
N VAL H 16 -2.69 -18.83 -26.04
CA VAL H 16 -1.64 -17.82 -26.23
C VAL H 16 -0.26 -18.47 -26.13
N LEU H 17 -0.07 -19.35 -25.15
CA LEU H 17 1.18 -20.05 -24.97
C LEU H 17 1.54 -20.84 -26.22
N LYS H 18 0.58 -21.58 -26.80
CA LYS H 18 0.86 -22.36 -28.01
C LYS H 18 1.08 -21.47 -29.23
N GLN H 19 0.42 -20.32 -29.27
CA GLN H 19 0.63 -19.32 -30.30
C GLN H 19 2.07 -18.77 -30.21
N THR H 20 2.64 -18.64 -29.00
CA THR H 20 3.99 -18.09 -28.79
C THR H 20 5.07 -19.16 -28.90
N HIS H 21 5.01 -20.19 -28.07
CA HIS H 21 5.96 -21.29 -28.05
C HIS H 21 5.18 -22.60 -28.23
N PRO H 22 5.03 -23.09 -29.47
CA PRO H 22 4.18 -24.26 -29.68
C PRO H 22 4.90 -25.58 -29.45
N ASP H 23 5.63 -25.72 -28.36
CA ASP H 23 6.29 -26.96 -27.95
C ASP H 23 6.39 -27.11 -26.42
N THR H 24 6.06 -26.08 -25.64
CA THR H 24 6.09 -26.14 -24.16
C THR H 24 4.69 -26.26 -23.57
N GLY H 25 4.53 -27.17 -22.61
CA GLY H 25 3.34 -27.23 -21.79
C GLY H 25 3.43 -26.27 -20.62
N ILE H 26 2.48 -26.39 -19.71
CA ILE H 26 2.43 -25.53 -18.53
C ILE H 26 1.70 -26.26 -17.41
N SER H 27 2.29 -26.24 -16.21
CA SER H 27 1.75 -26.96 -15.08
C SER H 27 0.46 -26.30 -14.59
N GLN H 28 -0.31 -27.07 -13.80
CA GLN H 28 -1.58 -26.56 -13.27
C GLN H 28 -1.35 -25.41 -12.30
N LYS H 29 -0.30 -25.49 -11.48
CA LYS H 29 0.00 -24.40 -10.56
C LYS H 29 0.32 -23.12 -11.32
N ALA H 30 1.10 -23.23 -12.39
CA ALA H 30 1.38 -22.07 -13.22
C ALA H 30 0.13 -21.55 -13.90
N MET H 31 -0.82 -22.43 -14.25
CA MET H 31 -2.09 -21.98 -14.79
C MET H 31 -2.86 -21.15 -13.76
N SER H 32 -2.90 -21.63 -12.51
CA SER H 32 -3.58 -20.87 -11.47
C SER H 32 -2.90 -19.53 -11.24
N ILE H 33 -1.57 -19.51 -11.27
CA ILE H 33 -0.83 -18.27 -11.08
C ILE H 33 -1.14 -17.29 -12.20
N MET H 34 -1.16 -17.78 -13.45
CA MET H 34 -1.45 -16.91 -14.58
C MET H 34 -2.87 -16.36 -14.51
N ASN H 35 -3.83 -17.22 -14.13
CA ASN H 35 -5.21 -16.75 -14.00
C ASN H 35 -5.34 -15.70 -12.90
N SER H 36 -4.68 -15.91 -11.77
CA SER H 36 -4.72 -14.93 -10.70
C SER H 36 -4.07 -13.62 -11.11
N PHE H 37 -2.97 -13.69 -11.86
CA PHE H 37 -2.32 -12.46 -12.33
C PHE H 37 -3.21 -11.69 -13.29
N VAL H 38 -3.87 -12.40 -14.20
CA VAL H 38 -4.79 -11.75 -15.14
C VAL H 38 -5.94 -11.09 -14.39
N ASN H 39 -6.51 -11.81 -13.41
CA ASN H 39 -7.61 -11.24 -12.63
C ASN H 39 -7.16 -10.01 -11.84
N ASP H 40 -5.95 -10.07 -11.27
CA ASP H 40 -5.46 -8.94 -10.48
C ASP H 40 -5.25 -7.72 -11.37
N ILE H 41 -4.65 -7.91 -12.55
CA ILE H 41 -4.44 -6.78 -13.44
C ILE H 41 -5.77 -6.21 -13.92
N PHE H 42 -6.72 -7.09 -14.25
CA PHE H 42 -8.04 -6.63 -14.66
C PHE H 42 -8.70 -5.81 -13.57
N GLU H 43 -8.62 -6.29 -12.33
CA GLU H 43 -9.23 -5.57 -11.21
C GLU H 43 -8.57 -4.22 -11.00
N ARG H 44 -7.24 -4.16 -11.06
CA ARG H 44 -6.55 -2.89 -10.87
C ARG H 44 -6.95 -1.89 -11.95
N ILE H 45 -6.93 -2.31 -13.20
CA ILE H 45 -7.25 -1.39 -14.29
C ILE H 45 -8.71 -0.93 -14.19
N ALA H 46 -9.63 -1.86 -13.90
CA ALA H 46 -11.03 -1.49 -13.82
C ALA H 46 -11.28 -0.53 -12.66
N SER H 47 -10.68 -0.78 -11.50
CA SER H 47 -10.87 0.12 -10.36
C SER H 47 -10.30 1.50 -10.66
N GLU H 48 -9.12 1.55 -11.27
CA GLU H 48 -8.51 2.85 -11.59
C GLU H 48 -9.37 3.61 -12.59
N ALA H 49 -9.89 2.92 -13.61
CA ALA H 49 -10.74 3.59 -14.59
C ALA H 49 -12.04 4.06 -13.97
N SER H 50 -12.61 3.27 -13.05
CA SER H 50 -13.84 3.70 -12.39
C SER H 50 -13.61 4.94 -11.53
N LYS H 51 -12.52 4.96 -10.76
CA LYS H 51 -12.21 6.15 -9.97
C LYS H 51 -11.96 7.36 -10.87
N LEU H 52 -11.27 7.14 -11.98
CA LEU H 52 -10.97 8.23 -12.90
C LEU H 52 -12.25 8.81 -13.50
N ALA H 53 -13.17 7.93 -13.92
CA ALA H 53 -14.44 8.41 -14.44
C ALA H 53 -15.28 9.08 -13.36
N SER H 54 -15.11 8.67 -12.10
CA SER H 54 -15.84 9.31 -11.00
C SER H 54 -15.30 10.71 -10.71
N TYR H 55 -13.99 10.92 -10.85
CA TYR H 55 -13.42 12.23 -10.58
C TYR H 55 -13.96 13.29 -11.54
N ASN H 56 -14.15 12.93 -12.81
CA ASN H 56 -14.56 13.89 -13.83
C ASN H 56 -16.08 13.93 -14.01
N LYS H 57 -16.84 13.42 -13.04
CA LYS H 57 -18.30 13.45 -13.05
C LYS H 57 -18.88 12.75 -14.28
N LYS H 58 -18.15 11.82 -14.86
CA LYS H 58 -18.65 11.04 -15.97
C LYS H 58 -19.33 9.77 -15.45
N SER H 59 -20.22 9.21 -16.27
CA SER H 59 -20.97 8.03 -15.90
C SER H 59 -20.78 6.88 -16.88
N THR H 60 -19.67 6.86 -17.63
CA THR H 60 -19.42 5.79 -18.56
C THR H 60 -17.93 5.52 -18.65
N ILE H 61 -17.58 4.24 -18.77
CA ILE H 61 -16.21 3.82 -19.02
C ILE H 61 -16.06 3.61 -20.53
N SER H 62 -15.18 4.38 -21.15
CA SER H 62 -14.91 4.29 -22.58
C SER H 62 -13.45 3.95 -22.80
N ALA H 63 -13.02 4.03 -24.06
CA ALA H 63 -11.64 3.69 -24.40
C ALA H 63 -10.65 4.66 -23.75
N ARG H 64 -11.00 5.93 -23.64
CA ARG H 64 -10.04 6.91 -23.15
C ARG H 64 -9.69 6.68 -21.68
N GLU H 65 -10.68 6.39 -20.85
CA GLU H 65 -10.40 6.11 -19.44
C GLU H 65 -9.58 4.85 -19.29
N ILE H 66 -9.84 3.82 -20.09
CA ILE H 66 -9.04 2.61 -20.02
C ILE H 66 -7.61 2.89 -20.45
N GLN H 67 -7.43 3.72 -21.49
CA GLN H 67 -6.09 4.10 -21.92
C GLN H 67 -5.35 4.85 -20.83
N THR H 68 -6.02 5.78 -20.17
CA THR H 68 -5.38 6.54 -19.11
C THR H 68 -5.03 5.65 -17.92
N ALA H 69 -5.92 4.71 -17.58
CA ALA H 69 -5.61 3.78 -16.49
C ALA H 69 -4.43 2.89 -16.84
N VAL H 70 -4.35 2.42 -18.08
CA VAL H 70 -3.22 1.65 -18.53
C VAL H 70 -1.96 2.46 -18.41
N ARG H 71 -1.98 3.73 -18.82
CA ARG H 71 -0.83 4.61 -18.66
C ARG H 71 -0.48 4.82 -17.20
N LEU H 72 -1.46 4.72 -16.30
CA LEU H 72 -1.20 4.95 -14.89
C LEU H 72 -0.54 3.73 -14.23
N ILE H 73 -1.16 2.55 -14.33
CA ILE H 73 -0.65 1.34 -13.67
C ILE H 73 0.63 0.83 -14.32
N LEU H 74 0.64 0.67 -15.64
CA LEU H 74 1.75 -0.01 -16.28
C LEU H 74 2.98 0.88 -16.34
N PRO H 75 4.18 0.34 -16.09
CA PRO H 75 5.40 1.13 -16.22
C PRO H 75 5.63 1.58 -17.65
N GLY H 76 6.60 2.48 -17.82
CA GLY H 76 6.68 3.27 -19.05
C GLY H 76 6.73 2.44 -20.31
N GLU H 77 7.64 1.47 -20.38
CA GLU H 77 7.74 0.65 -21.58
C GLU H 77 6.50 -0.21 -21.76
N LEU H 78 6.06 -0.87 -20.68
CA LEU H 78 4.85 -1.68 -20.75
C LEU H 78 3.63 -0.82 -21.05
N SER H 79 3.57 0.38 -20.47
CA SER H 79 2.44 1.27 -20.77
C SER H 79 2.42 1.66 -22.24
N LYS H 80 3.57 2.02 -22.81
CA LYS H 80 3.61 2.40 -24.22
C LYS H 80 3.21 1.24 -25.11
N HIS H 81 3.73 0.04 -24.85
CA HIS H 81 3.40 -1.09 -25.71
C HIS H 81 1.95 -1.51 -25.56
N ALA H 82 1.41 -1.49 -24.34
CA ALA H 82 0.01 -1.86 -24.13
C ALA H 82 -0.91 -0.83 -24.76
N VAL H 83 -0.57 0.45 -24.68
CA VAL H 83 -1.35 1.48 -25.33
C VAL H 83 -1.33 1.28 -26.83
N SER H 84 -0.17 1.01 -27.42
CA SER H 84 -0.09 0.81 -28.86
C SER H 84 -0.97 -0.37 -29.29
N GLU H 85 -0.86 -1.50 -28.58
CA GLU H 85 -1.66 -2.67 -28.93
C GLU H 85 -3.15 -2.41 -28.74
N GLY H 86 -3.52 -1.69 -27.66
CA GLY H 86 -4.91 -1.41 -27.43
C GLY H 86 -5.54 -0.54 -28.50
N THR H 87 -4.83 0.52 -28.90
CA THR H 87 -5.30 1.39 -29.97
C THR H 87 -5.32 0.63 -31.30
N ARG H 88 -4.40 -0.31 -31.54
CA ARG H 88 -4.46 -1.13 -32.74
C ARG H 88 -5.69 -2.01 -32.76
N ALA H 89 -6.00 -2.66 -31.63
CA ALA H 89 -7.17 -3.52 -31.55
C ALA H 89 -8.46 -2.72 -31.70
N VAL H 90 -8.52 -1.54 -31.07
CA VAL H 90 -9.72 -0.73 -31.18
C VAL H 90 -9.92 -0.25 -32.61
N THR H 91 -8.84 0.16 -33.29
CA THR H 91 -8.95 0.58 -34.67
C THR H 91 -9.41 -0.58 -35.57
N LYS H 92 -8.85 -1.77 -35.33
CA LYS H 92 -9.27 -2.92 -36.12
C LYS H 92 -10.75 -3.23 -35.91
N TYR H 93 -11.21 -3.18 -34.66
CA TYR H 93 -12.62 -3.44 -34.37
C TYR H 93 -13.52 -2.38 -35.01
N THR H 94 -13.11 -1.12 -34.93
CA THR H 94 -13.93 -0.05 -35.51
C THR H 94 -14.00 -0.16 -37.03
N SER H 95 -12.88 -0.48 -37.68
CA SER H 95 -12.89 -0.66 -39.12
C SER H 95 -13.75 -1.86 -39.51
N SER H 96 -13.70 -2.95 -38.74
CA SER H 96 -14.41 -4.19 -39.06
C SER H 96 -15.92 -4.09 -38.83
N THR H 97 -16.36 -3.31 -37.84
CA THR H 97 -17.79 -2.98 -37.66
C THR H 97 -18.31 -2.00 -38.70
#